data_8BZS
#
_entry.id   8BZS
#
_cell.length_a   128.510
_cell.length_b   128.510
_cell.length_c   116.590
_cell.angle_alpha   90.00
_cell.angle_beta   90.00
_cell.angle_gamma   90.00
#
_symmetry.space_group_name_H-M   'P 43 21 2'
#
loop_
_entity.id
_entity.type
_entity.pdbx_description
1 polymer 'Glycogen phosphorylase, muscle form'
2 non-polymer "PYRIDOXAL-5'-PHOSPHATE"
3 non-polymer 5,6,7-trihydroxy-2-phenyl-4H-chromen-4-one
4 water water
#
_entity_poly.entity_id   1
_entity_poly.type   'polypeptide(L)'
_entity_poly.pdbx_seq_one_letter_code
;MSRPLSDQEKRKQISVRGLAGVENVTELKKNFNRHLHFTLVKDRNVATPRDYYFALAHTVRDHLVGRWIRTQQHYYEKDP
KRIYYLSLEFYMGRTLQNTMVNLALENACDEATYQLGLDMEELEEIEEDAGLGNGGLGRLAACFLDSMATLGLAAYGYGI
RYEFGIFNQKICGGWQMEEADDWLRYGNPWEKARPEFTLPVHFYGRVEHTSQGAKWVDTQVVLAMPYDTPVPGYRNNVVN
TMRLWSAKAPNDFNLKDFNVGGYIQAVLDRNLAENISRVLYPNDNFFEGKELRLKQEYFVVAATLQDIIRRFKSSKFGCR
DPVRTNFDAFPDKVAIQLNDTHPSLAIPELMRVLVDLERLDWDKAWEVTVKTCAYTNHTVLPEALERWPVHLLETLLPRH
LQIIYEINQRFLNRVAAAFPGDVDRLRRMSLVEEGAVKRINMAHLCIAGSHAVNGVARIHSEILKKTIFKDFYELEPHKF
QNKTNGITPRRWLVLCNPGLAEIIAERIGEEYISDLDQLRKLLSYVDDEAFIRDVAKVKQENKLKFAAYLEREYKVHINP
NSLFDVQVKRIHEYKRQLLNCLHVITLYNRIKKEPNKFVVPRTVMIGGKAAPGYHMAKMIIKLITAIGDVVNHDPVVGDR
LRVIFLENYRVSLAEKVIPAADLSEQISTAGTEASGTGNMKFMLNGALTIGTMDGANVEMAEEAGEENFFIFGMRVEDVD
RLDQRGYNAQEYYDRIPELRQIIEQLSSGFFSPKQPDLFKDIVNMLMHHDRFKVFADYEEYVKCQERVSALYKNPREWTR
MVIRNIATSGKFSSDRTIAQYAREIWGVEPSRQRLPAPDEKIP
;
_entity_poly.pdbx_strand_id   A
#
loop_
_chem_comp.id
_chem_comp.type
_chem_comp.name
_chem_comp.formula
3WL non-polymer 5,6,7-trihydroxy-2-phenyl-4H-chromen-4-one 'C15 H10 O5'
PLP non-polymer PYRIDOXAL-5'-PHOSPHATE 'C8 H10 N O6 P'
#
# COMPACT_ATOMS: atom_id res chain seq x y z
N GLN A 13 9.69 -3.25 -30.32
CA GLN A 13 10.98 -2.52 -30.07
C GLN A 13 11.90 -3.35 -29.16
N ILE A 14 11.56 -3.50 -27.85
CA ILE A 14 12.31 -4.24 -26.84
C ILE A 14 11.67 -5.62 -26.58
N SER A 15 12.50 -6.66 -26.36
CA SER A 15 12.06 -8.06 -26.37
C SER A 15 11.05 -8.45 -25.28
N VAL A 16 11.27 -8.02 -24.01
CA VAL A 16 10.39 -8.32 -22.86
C VAL A 16 8.93 -7.86 -23.11
N ARG A 17 8.72 -6.95 -24.08
CA ARG A 17 7.37 -6.48 -24.38
C ARG A 17 6.58 -7.41 -25.32
N GLY A 18 7.18 -8.55 -25.72
CA GLY A 18 6.49 -9.60 -26.48
C GLY A 18 6.53 -9.44 -28.01
N LEU A 19 5.81 -10.32 -28.72
CA LEU A 19 5.82 -10.38 -30.18
C LEU A 19 4.76 -9.45 -30.79
N ALA A 20 5.13 -8.81 -31.90
CA ALA A 20 4.21 -8.08 -32.74
C ALA A 20 3.92 -8.89 -34.02
N GLY A 21 3.25 -10.05 -33.89
CA GLY A 21 2.82 -10.87 -35.03
C GLY A 21 1.78 -10.20 -35.93
N VAL A 22 2.01 -10.28 -37.24
CA VAL A 22 1.25 -9.70 -38.36
C VAL A 22 -0.26 -9.83 -38.14
N GLU A 23 -0.69 -11.05 -37.77
CA GLU A 23 -2.09 -11.37 -37.52
C GLU A 23 -2.62 -10.61 -36.31
N ASN A 24 -1.88 -10.68 -35.19
CA ASN A 24 -2.21 -10.02 -33.94
C ASN A 24 -2.44 -8.53 -34.18
N VAL A 25 -1.55 -7.89 -34.93
CA VAL A 25 -1.57 -6.44 -35.14
C VAL A 25 -2.77 -6.01 -35.99
N THR A 26 -3.15 -6.89 -36.94
CA THR A 26 -4.25 -6.64 -37.84
C THR A 26 -5.54 -6.72 -37.03
N GLU A 27 -5.62 -7.73 -36.16
CA GLU A 27 -6.82 -7.90 -35.36
C GLU A 27 -7.00 -6.74 -34.37
N LEU A 28 -5.92 -6.29 -33.75
CA LEU A 28 -6.03 -5.21 -32.79
C LEU A 28 -6.54 -3.95 -33.50
N LYS A 29 -6.04 -3.69 -34.71
CA LYS A 29 -6.46 -2.51 -35.45
C LYS A 29 -7.97 -2.56 -35.72
N LYS A 30 -8.45 -3.73 -36.12
CA LYS A 30 -9.85 -3.82 -36.53
C LYS A 30 -10.77 -3.67 -35.31
N ASN A 31 -10.35 -4.27 -34.18
CA ASN A 31 -11.07 -4.22 -32.91
C ASN A 31 -11.10 -2.81 -32.33
N PHE A 32 -10.01 -2.08 -32.47
CA PHE A 32 -9.93 -0.68 -32.09
C PHE A 32 -10.98 0.14 -32.83
N ASN A 33 -11.00 0.02 -34.17
CA ASN A 33 -11.94 0.77 -34.98
C ASN A 33 -13.38 0.34 -34.70
N ARG A 34 -13.58 -0.95 -34.40
CA ARG A 34 -14.89 -1.42 -34.02
C ARG A 34 -15.33 -0.70 -32.74
N HIS A 35 -14.50 -0.73 -31.67
CA HIS A 35 -14.89 -0.07 -30.43
C HIS A 35 -15.07 1.44 -30.62
N LEU A 36 -14.26 2.08 -31.46
CA LEU A 36 -14.38 3.52 -31.56
C LEU A 36 -15.75 3.88 -32.15
N HIS A 37 -16.20 3.07 -33.12
CA HIS A 37 -17.42 3.25 -33.85
C HIS A 37 -18.62 2.80 -33.00
N PHE A 38 -18.63 1.54 -32.56
CA PHE A 38 -19.80 0.96 -31.92
C PHE A 38 -19.89 1.23 -30.41
N THR A 39 -18.76 1.23 -29.69
CA THR A 39 -18.77 1.41 -28.24
C THR A 39 -18.79 2.89 -27.89
N LEU A 40 -17.95 3.69 -28.57
CA LEU A 40 -17.77 5.07 -28.17
C LEU A 40 -18.65 6.02 -28.98
N VAL A 41 -19.12 5.55 -30.15
CA VAL A 41 -20.02 6.24 -31.07
C VAL A 41 -19.32 7.53 -31.53
N LYS A 42 -18.17 7.37 -32.18
CA LYS A 42 -17.36 8.48 -32.67
C LYS A 42 -16.83 8.06 -34.03
N ASP A 43 -16.41 9.02 -34.88
CA ASP A 43 -15.53 8.64 -35.98
C ASP A 43 -14.22 9.37 -35.75
N ARG A 44 -13.28 9.24 -36.68
CA ARG A 44 -11.94 9.79 -36.48
C ARG A 44 -11.99 11.31 -36.53
N ASN A 45 -13.10 11.91 -36.97
CA ASN A 45 -13.09 13.36 -37.13
C ASN A 45 -13.41 14.03 -35.82
N VAL A 46 -14.10 13.32 -34.93
CA VAL A 46 -14.55 13.96 -33.72
C VAL A 46 -13.83 13.41 -32.50
N ALA A 47 -13.05 12.36 -32.66
CA ALA A 47 -12.50 11.65 -31.51
C ALA A 47 -11.40 12.48 -30.83
N THR A 48 -11.45 12.54 -29.49
CA THR A 48 -10.40 13.14 -28.67
C THR A 48 -9.40 12.07 -28.22
N PRO A 49 -8.22 12.44 -27.67
CA PRO A 49 -7.32 11.40 -27.15
C PRO A 49 -7.98 10.50 -26.10
N ARG A 50 -8.94 11.06 -25.37
CA ARG A 50 -9.63 10.25 -24.38
C ARG A 50 -10.42 9.12 -25.04
N ASP A 51 -11.19 9.44 -26.10
CA ASP A 51 -11.85 8.44 -26.94
C ASP A 51 -10.87 7.34 -27.36
N TYR A 52 -9.66 7.76 -27.76
CA TYR A 52 -8.67 6.81 -28.23
C TYR A 52 -8.20 5.90 -27.11
N TYR A 53 -7.96 6.47 -25.92
CA TYR A 53 -7.65 5.65 -24.78
C TYR A 53 -8.76 4.62 -24.55
N PHE A 54 -10.02 5.03 -24.62
CA PHE A 54 -11.08 4.11 -24.27
C PHE A 54 -11.20 2.96 -25.27
N ALA A 55 -11.01 3.29 -26.57
CA ALA A 55 -11.07 2.30 -27.61
C ALA A 55 -10.00 1.24 -27.36
N LEU A 56 -8.80 1.68 -26.97
CA LEU A 56 -7.71 0.74 -26.68
C LEU A 56 -8.05 -0.11 -25.46
N ALA A 57 -8.57 0.55 -24.40
CA ALA A 57 -8.92 -0.16 -23.17
C ALA A 57 -9.95 -1.26 -23.48
N HIS A 58 -11.00 -0.95 -24.26
CA HIS A 58 -12.02 -1.94 -24.60
C HIS A 58 -11.40 -3.08 -25.43
N THR A 59 -10.47 -2.75 -26.33
CA THR A 59 -9.83 -3.72 -27.21
C THR A 59 -9.00 -4.71 -26.38
N VAL A 60 -8.31 -4.17 -25.37
CA VAL A 60 -7.48 -4.98 -24.49
C VAL A 60 -8.35 -5.83 -23.57
N ARG A 61 -9.39 -5.21 -23.00
CA ARG A 61 -10.32 -5.90 -22.12
C ARG A 61 -10.92 -7.12 -22.81
N ASP A 62 -11.19 -7.01 -24.12
CA ASP A 62 -11.77 -8.13 -24.85
C ASP A 62 -10.88 -9.38 -24.77
N HIS A 63 -9.55 -9.22 -24.82
CA HIS A 63 -8.60 -10.31 -24.59
C HIS A 63 -8.64 -10.90 -23.18
N LEU A 64 -9.10 -10.15 -22.19
CA LEU A 64 -9.14 -10.67 -20.81
C LEU A 64 -10.34 -11.59 -20.58
N VAL A 65 -11.48 -11.26 -21.19
CA VAL A 65 -12.79 -11.90 -20.87
C VAL A 65 -12.84 -13.41 -21.10
N GLY A 66 -12.32 -13.90 -22.21
CA GLY A 66 -12.39 -15.34 -22.44
C GLY A 66 -11.59 -16.09 -21.38
N ARG A 67 -10.44 -15.53 -21.00
CA ARG A 67 -9.58 -16.07 -19.96
C ARG A 67 -10.26 -15.97 -18.59
N TRP A 68 -10.91 -14.82 -18.34
CA TRP A 68 -11.71 -14.64 -17.13
C TRP A 68 -12.79 -15.72 -16.97
N ILE A 69 -13.61 -15.94 -18.01
CA ILE A 69 -14.68 -16.93 -17.98
C ILE A 69 -14.10 -18.34 -17.82
N ARG A 70 -13.00 -18.67 -18.54
CA ARG A 70 -12.38 -19.99 -18.44
C ARG A 70 -11.84 -20.23 -17.03
N THR A 71 -11.13 -19.23 -16.46
CA THR A 71 -10.58 -19.39 -15.12
C THR A 71 -11.70 -19.67 -14.12
N GLN A 72 -12.76 -18.87 -14.15
CA GLN A 72 -13.82 -19.01 -13.14
C GLN A 72 -14.54 -20.34 -13.31
N GLN A 73 -14.74 -20.75 -14.56
CA GLN A 73 -15.23 -22.08 -14.88
C GLN A 73 -14.28 -23.16 -14.34
N HIS A 74 -12.96 -23.02 -14.56
CA HIS A 74 -12.01 -23.98 -14.02
C HIS A 74 -12.19 -24.18 -12.50
N TYR A 75 -12.38 -23.09 -11.73
CA TYR A 75 -12.51 -23.21 -10.27
C TYR A 75 -13.81 -23.91 -9.86
N TYR A 76 -14.86 -23.73 -10.66
CA TYR A 76 -16.12 -24.41 -10.41
C TYR A 76 -15.97 -25.93 -10.53
N GLU A 77 -15.26 -26.39 -11.56
CA GLU A 77 -15.13 -27.81 -11.79
C GLU A 77 -14.13 -28.45 -10.85
N LYS A 78 -12.95 -27.84 -10.68
CA LYS A 78 -11.95 -28.42 -9.80
C LYS A 78 -12.29 -28.22 -8.32
N ASP A 79 -13.05 -27.17 -7.96
CA ASP A 79 -13.36 -26.90 -6.56
C ASP A 79 -12.12 -26.79 -5.64
N PRO A 80 -11.06 -25.99 -5.93
CA PRO A 80 -9.91 -25.94 -5.02
C PRO A 80 -10.35 -25.09 -3.81
N LYS A 81 -9.61 -25.21 -2.72
CA LYS A 81 -9.73 -24.28 -1.60
C LYS A 81 -9.58 -22.84 -2.11
N ARG A 82 -10.46 -21.95 -1.64
CA ARG A 82 -10.53 -20.57 -2.13
C ARG A 82 -9.96 -19.60 -1.10
N ILE A 83 -9.15 -18.63 -1.52
CA ILE A 83 -8.56 -17.64 -0.60
C ILE A 83 -9.35 -16.34 -0.72
N TYR A 84 -9.76 -15.80 0.42
CA TYR A 84 -10.50 -14.56 0.40
C TYR A 84 -9.67 -13.52 1.14
N TYR A 85 -9.22 -12.50 0.39
CA TYR A 85 -8.35 -11.46 0.91
C TYR A 85 -9.23 -10.23 1.11
N LEU A 86 -9.57 -9.97 2.36
CA LEU A 86 -10.48 -8.89 2.75
C LEU A 86 -9.68 -7.65 3.13
N SER A 87 -9.97 -6.51 2.50
CA SER A 87 -9.19 -5.31 2.76
C SER A 87 -10.11 -4.11 2.53
N LEU A 88 -9.92 -3.04 3.28
CA LEU A 88 -10.74 -1.84 3.08
C LEU A 88 -10.05 -1.02 2.00
N GLU A 89 -8.90 -1.52 1.49
CA GLU A 89 -8.13 -0.72 0.54
C GLU A 89 -7.51 -1.62 -0.51
N PHE A 90 -7.62 -1.19 -1.77
CA PHE A 90 -6.90 -1.82 -2.87
C PHE A 90 -6.36 -0.68 -3.72
N TYR A 91 -5.07 -0.42 -3.62
CA TYR A 91 -4.54 0.75 -4.30
C TYR A 91 -3.97 0.26 -5.63
N MET A 92 -4.82 0.24 -6.66
CA MET A 92 -4.57 -0.46 -7.91
C MET A 92 -3.73 0.39 -8.89
N GLY A 93 -3.89 1.73 -8.90
CA GLY A 93 -3.27 2.56 -9.92
C GLY A 93 -3.91 2.27 -11.31
N ARG A 94 -3.16 2.46 -12.40
CA ARG A 94 -3.69 2.22 -13.74
CA ARG A 94 -3.64 2.23 -13.76
C ARG A 94 -3.63 0.74 -14.08
N THR A 95 -4.57 0.31 -14.95
CA THR A 95 -4.80 -1.09 -15.31
C THR A 95 -4.36 -1.41 -16.75
N LEU A 96 -4.31 -0.44 -17.65
CA LEU A 96 -4.18 -0.75 -19.08
C LEU A 96 -2.84 -1.41 -19.39
N GLN A 97 -1.75 -0.72 -19.00
CA GLN A 97 -0.40 -1.21 -19.25
C GLN A 97 -0.12 -2.53 -18.54
N ASN A 98 -0.57 -2.62 -17.28
CA ASN A 98 -0.42 -3.86 -16.52
C ASN A 98 -1.09 -5.00 -17.25
N THR A 99 -2.25 -4.74 -17.86
CA THR A 99 -2.96 -5.82 -18.52
C THR A 99 -2.17 -6.22 -19.76
N MET A 100 -1.64 -5.23 -20.50
CA MET A 100 -0.89 -5.57 -21.69
C MET A 100 0.32 -6.43 -21.31
N VAL A 101 1.03 -6.01 -20.24
CA VAL A 101 2.25 -6.69 -19.85
C VAL A 101 1.93 -8.15 -19.52
N ASN A 102 0.80 -8.39 -18.83
CA ASN A 102 0.52 -9.72 -18.31
C ASN A 102 -0.03 -10.65 -19.41
N LEU A 103 -0.56 -10.07 -20.49
CA LEU A 103 -1.11 -10.82 -21.62
C LEU A 103 -0.10 -10.85 -22.76
N ALA A 104 1.02 -10.15 -22.65
CA ALA A 104 2.08 -10.22 -23.65
C ALA A 104 1.66 -9.46 -24.91
N LEU A 105 0.92 -8.35 -24.73
CA LEU A 105 0.25 -7.64 -25.81
C LEU A 105 0.89 -6.28 -26.05
N GLU A 106 1.83 -5.94 -25.19
CA GLU A 106 2.39 -4.60 -25.15
C GLU A 106 2.91 -4.13 -26.53
N ASN A 107 3.77 -4.95 -27.19
CA ASN A 107 4.44 -4.54 -28.41
C ASN A 107 3.43 -4.52 -29.56
N ALA A 108 2.55 -5.53 -29.61
CA ALA A 108 1.48 -5.59 -30.61
C ALA A 108 0.61 -4.33 -30.54
N CYS A 109 0.21 -3.91 -29.32
CA CYS A 109 -0.62 -2.71 -29.16
C CYS A 109 0.16 -1.46 -29.56
N ASP A 110 1.47 -1.41 -29.25
CA ASP A 110 2.36 -0.33 -29.66
C ASP A 110 2.34 -0.19 -31.19
N GLU A 111 2.64 -1.28 -31.90
CA GLU A 111 2.60 -1.42 -33.35
C GLU A 111 1.22 -1.00 -33.91
N ALA A 112 0.13 -1.61 -33.40
CA ALA A 112 -1.22 -1.36 -33.87
C ALA A 112 -1.59 0.12 -33.76
N THR A 113 -1.32 0.72 -32.59
CA THR A 113 -1.61 2.13 -32.36
C THR A 113 -0.77 3.02 -33.28
N TYR A 114 0.55 2.75 -33.35
CA TYR A 114 1.46 3.49 -34.23
C TYR A 114 0.91 3.53 -35.65
N GLN A 115 0.43 2.38 -36.16
CA GLN A 115 -0.04 2.28 -37.53
C GLN A 115 -1.34 3.06 -37.76
N LEU A 116 -2.11 3.31 -36.69
CA LEU A 116 -3.29 4.16 -36.77
C LEU A 116 -2.90 5.62 -36.49
N GLY A 117 -1.59 5.85 -36.33
CA GLY A 117 -1.04 7.18 -36.14
C GLY A 117 -1.23 7.73 -34.74
N LEU A 118 -1.09 6.87 -33.72
CA LEU A 118 -1.29 7.33 -32.34
C LEU A 118 -0.09 6.90 -31.52
N ASP A 119 0.16 7.65 -30.44
CA ASP A 119 1.22 7.31 -29.51
C ASP A 119 0.60 6.62 -28.29
N MET A 120 0.82 5.31 -28.17
CA MET A 120 0.23 4.56 -27.08
C MET A 120 0.57 5.20 -25.73
N GLU A 121 1.79 5.75 -25.64
CA GLU A 121 2.28 6.25 -24.37
C GLU A 121 1.50 7.49 -23.95
N GLU A 122 1.06 8.30 -24.94
CA GLU A 122 0.20 9.44 -24.62
C GLU A 122 -1.16 8.93 -24.15
N LEU A 123 -1.68 7.86 -24.77
CA LEU A 123 -3.00 7.37 -24.39
C LEU A 123 -2.92 6.78 -22.96
N GLU A 124 -1.79 6.13 -22.62
CA GLU A 124 -1.62 5.57 -21.29
C GLU A 124 -1.80 6.61 -20.20
N GLU A 125 -1.27 7.84 -20.42
CA GLU A 125 -1.28 8.95 -19.49
C GLU A 125 -2.68 9.48 -19.19
N ILE A 126 -3.70 9.09 -19.98
CA ILE A 126 -5.05 9.59 -19.83
C ILE A 126 -5.82 8.80 -18.77
N GLU A 127 -5.43 7.55 -18.52
CA GLU A 127 -6.15 6.72 -17.55
C GLU A 127 -5.97 7.28 -16.13
N GLU A 128 -7.04 7.36 -15.35
CA GLU A 128 -6.99 7.75 -13.94
C GLU A 128 -6.42 6.60 -13.10
N ASP A 129 -5.67 6.92 -12.04
CA ASP A 129 -5.39 5.93 -11.00
C ASP A 129 -6.66 5.45 -10.32
N ALA A 130 -6.80 4.13 -10.17
CA ALA A 130 -7.76 3.67 -9.18
C ALA A 130 -7.12 3.81 -7.80
N GLY A 131 -7.38 4.95 -7.13
CA GLY A 131 -6.70 5.34 -5.89
C GLY A 131 -7.51 4.92 -4.66
N LEU A 132 -7.82 3.62 -4.59
CA LEU A 132 -8.70 3.12 -3.55
C LEU A 132 -7.86 2.67 -2.35
N GLY A 133 -6.78 3.42 -2.05
CA GLY A 133 -6.04 3.14 -0.83
C GLY A 133 -5.24 4.35 -0.36
N ASN A 134 -4.61 4.26 0.84
CA ASN A 134 -3.87 5.40 1.38
C ASN A 134 -2.38 5.37 1.02
N GLY A 135 -1.80 4.17 0.98
CA GLY A 135 -0.35 4.02 1.03
C GLY A 135 0.07 2.55 1.01
N GLY A 136 0.93 2.18 1.96
CA GLY A 136 1.55 0.86 1.92
C GLY A 136 0.57 -0.30 2.00
N LEU A 137 -0.41 -0.21 2.91
CA LEU A 137 -1.31 -1.33 3.18
C LEU A 137 -2.19 -1.58 1.94
N GLY A 138 -2.68 -0.51 1.31
CA GLY A 138 -3.49 -0.81 0.14
C GLY A 138 -2.68 -1.18 -1.12
N ARG A 139 -1.46 -0.68 -1.26
CA ARG A 139 -0.62 -1.08 -2.42
C ARG A 139 -0.22 -2.53 -2.20
N LEU A 140 0.01 -2.93 -0.95
CA LEU A 140 0.36 -4.31 -0.68
C LEU A 140 -0.73 -5.26 -1.19
N ALA A 141 -1.99 -4.87 -0.93
CA ALA A 141 -3.14 -5.63 -1.37
C ALA A 141 -3.13 -5.77 -2.88
N ALA A 142 -2.84 -4.67 -3.59
CA ALA A 142 -2.75 -4.71 -5.04
C ALA A 142 -1.61 -5.62 -5.51
N CYS A 143 -0.44 -5.58 -4.84
CA CYS A 143 0.67 -6.42 -5.26
C CYS A 143 0.31 -7.89 -5.04
N PHE A 144 -0.36 -8.17 -3.90
CA PHE A 144 -0.76 -9.54 -3.55
C PHE A 144 -1.74 -10.14 -4.55
N LEU A 145 -2.68 -9.33 -5.05
CA LEU A 145 -3.62 -9.86 -6.03
C LEU A 145 -2.82 -10.29 -7.28
N ASP A 146 -1.88 -9.45 -7.71
CA ASP A 146 -1.08 -9.77 -8.87
C ASP A 146 -0.34 -11.10 -8.62
N SER A 147 0.17 -11.27 -7.38
CA SER A 147 1.02 -12.43 -7.14
C SER A 147 0.16 -13.68 -7.06
N MET A 148 -1.04 -13.58 -6.45
CA MET A 148 -1.94 -14.70 -6.33
C MET A 148 -2.39 -15.24 -7.68
N ALA A 149 -2.66 -14.36 -8.65
CA ALA A 149 -3.04 -14.73 -10.00
C ALA A 149 -1.82 -15.34 -10.71
N THR A 150 -0.64 -14.71 -10.52
CA THR A 150 0.55 -15.28 -11.13
C THR A 150 0.84 -16.68 -10.55
N LEU A 151 0.47 -16.97 -9.29
CA LEU A 151 0.81 -18.25 -8.75
C LEU A 151 -0.33 -19.27 -8.87
N GLY A 152 -1.37 -18.98 -9.67
CA GLY A 152 -2.46 -19.92 -9.92
C GLY A 152 -3.33 -20.22 -8.69
N LEU A 153 -3.47 -19.26 -7.75
CA LEU A 153 -4.29 -19.50 -6.58
C LEU A 153 -5.74 -19.10 -6.89
N ALA A 154 -6.71 -19.82 -6.31
CA ALA A 154 -8.11 -19.46 -6.49
C ALA A 154 -8.46 -18.38 -5.47
N ALA A 155 -8.10 -17.11 -5.78
CA ALA A 155 -8.09 -16.04 -4.79
C ALA A 155 -9.03 -14.93 -5.24
N TYR A 156 -9.72 -14.30 -4.28
CA TYR A 156 -10.63 -13.19 -4.51
C TYR A 156 -10.26 -12.06 -3.59
N GLY A 157 -10.01 -10.87 -4.13
CA GLY A 157 -9.96 -9.70 -3.25
C GLY A 157 -11.38 -9.12 -3.08
N TYR A 158 -11.75 -8.76 -1.86
CA TYR A 158 -13.03 -8.16 -1.56
C TYR A 158 -12.82 -6.88 -0.76
N GLY A 159 -13.52 -5.85 -1.22
CA GLY A 159 -13.43 -4.53 -0.66
C GLY A 159 -14.66 -3.70 -1.03
N ILE A 160 -14.49 -2.37 -0.99
CA ILE A 160 -15.55 -1.40 -1.19
C ILE A 160 -15.20 -0.61 -2.43
N ARG A 161 -16.19 -0.42 -3.31
CA ARG A 161 -16.03 0.42 -4.48
C ARG A 161 -16.28 1.84 -4.04
N TYR A 162 -15.25 2.54 -3.58
CA TYR A 162 -15.52 3.90 -3.12
C TYR A 162 -15.74 4.77 -4.34
N GLU A 163 -16.69 5.69 -4.23
CA GLU A 163 -16.90 6.60 -5.33
C GLU A 163 -15.78 7.65 -5.39
N PHE A 164 -15.21 8.02 -4.23
CA PHE A 164 -14.08 8.93 -4.22
C PHE A 164 -12.93 8.26 -3.47
N GLY A 165 -11.79 8.10 -4.14
CA GLY A 165 -10.61 7.45 -3.58
C GLY A 165 -9.82 8.52 -2.83
N ILE A 166 -8.51 8.32 -2.69
CA ILE A 166 -7.65 9.27 -1.98
C ILE A 166 -7.71 10.62 -2.72
N PHE A 167 -7.87 11.73 -1.98
CA PHE A 167 -7.93 13.05 -2.57
C PHE A 167 -6.71 13.36 -3.46
N ASN A 168 -6.92 14.10 -4.55
CA ASN A 168 -5.91 14.82 -5.32
C ASN A 168 -5.35 15.97 -4.48
N GLN A 169 -4.02 16.02 -4.34
CA GLN A 169 -3.28 17.02 -3.59
C GLN A 169 -2.80 18.12 -4.53
N LYS A 170 -3.17 19.36 -4.19
CA LYS A 170 -2.70 20.57 -4.85
C LYS A 170 -1.92 21.35 -3.79
N ILE A 171 -0.77 21.91 -4.19
CA ILE A 171 0.02 22.80 -3.34
C ILE A 171 -0.35 24.23 -3.73
N CYS A 172 -0.91 25.00 -2.79
CA CYS A 172 -1.30 26.40 -2.98
C CYS A 172 -0.59 27.24 -1.92
N GLY A 173 0.32 28.11 -2.36
CA GLY A 173 1.14 28.89 -1.47
C GLY A 173 2.01 28.05 -0.54
N GLY A 174 2.41 26.86 -1.02
CA GLY A 174 3.14 25.93 -0.16
C GLY A 174 2.29 25.13 0.83
N TRP A 175 0.95 25.26 0.77
CA TRP A 175 0.06 24.44 1.60
C TRP A 175 -0.68 23.41 0.74
N GLN A 176 -0.88 22.21 1.32
CA GLN A 176 -1.68 21.16 0.71
C GLN A 176 -3.13 21.65 0.67
N MET A 177 -3.80 21.52 -0.47
CA MET A 177 -5.25 21.63 -0.55
C MET A 177 -5.78 20.30 -1.11
N GLU A 178 -6.92 19.84 -0.58
CA GLU A 178 -7.49 18.58 -1.02
C GLU A 178 -8.64 18.84 -1.98
N GLU A 179 -8.62 18.14 -3.13
CA GLU A 179 -9.71 18.07 -4.06
C GLU A 179 -10.21 16.64 -4.17
N ALA A 180 -11.51 16.50 -4.38
CA ALA A 180 -12.20 15.22 -4.49
C ALA A 180 -11.60 14.51 -5.69
N ASP A 181 -11.37 13.20 -5.57
CA ASP A 181 -10.83 12.39 -6.64
C ASP A 181 -12.00 11.67 -7.31
N ASP A 182 -12.58 12.30 -8.35
CA ASP A 182 -13.76 11.82 -9.05
C ASP A 182 -13.36 10.86 -10.15
N TRP A 183 -12.81 9.69 -9.77
CA TRP A 183 -12.11 8.78 -10.70
C TRP A 183 -13.08 8.05 -11.64
N LEU A 184 -14.38 7.94 -11.29
CA LEU A 184 -15.38 7.30 -12.15
C LEU A 184 -16.03 8.27 -13.15
N ARG A 185 -15.58 9.54 -13.16
CA ARG A 185 -16.32 10.57 -13.89
C ARG A 185 -16.56 10.11 -15.33
N TYR A 186 -15.52 9.59 -15.97
CA TYR A 186 -15.53 9.23 -17.37
C TYR A 186 -15.88 7.76 -17.55
N GLY A 187 -16.23 7.05 -16.48
CA GLY A 187 -16.47 5.62 -16.61
C GLY A 187 -15.19 4.79 -16.39
N ASN A 188 -15.36 3.53 -16.00
CA ASN A 188 -14.29 2.61 -15.65
C ASN A 188 -14.49 1.41 -16.58
N PRO A 189 -13.70 1.22 -17.63
CA PRO A 189 -14.02 0.15 -18.58
C PRO A 189 -13.58 -1.23 -18.09
N TRP A 190 -12.89 -1.27 -16.95
CA TRP A 190 -12.40 -2.50 -16.37
C TRP A 190 -13.45 -3.24 -15.51
N GLU A 191 -14.43 -2.54 -14.95
CA GLU A 191 -15.29 -3.22 -14.00
C GLU A 191 -16.51 -3.78 -14.73
N LYS A 192 -17.13 -4.81 -14.14
CA LYS A 192 -18.44 -5.27 -14.61
C LYS A 192 -19.39 -5.30 -13.42
N ALA A 193 -20.42 -4.43 -13.47
CA ALA A 193 -21.50 -4.37 -12.49
C ALA A 193 -22.18 -5.72 -12.48
N ARG A 194 -22.54 -6.19 -11.28
CA ARG A 194 -23.19 -7.48 -11.24
C ARG A 194 -24.46 -7.36 -10.42
N PRO A 195 -25.45 -6.55 -10.88
CA PRO A 195 -26.59 -6.15 -10.05
C PRO A 195 -27.45 -7.33 -9.60
N GLU A 196 -27.34 -8.44 -10.32
CA GLU A 196 -28.03 -9.68 -10.02
C GLU A 196 -27.51 -10.37 -8.76
N PHE A 197 -26.35 -9.97 -8.24
CA PHE A 197 -25.78 -10.66 -7.09
C PHE A 197 -25.81 -9.75 -5.84
N THR A 198 -26.72 -8.76 -5.87
CA THR A 198 -26.99 -7.82 -4.78
C THR A 198 -27.45 -8.57 -3.53
N LEU A 199 -26.96 -8.15 -2.37
CA LEU A 199 -27.16 -8.81 -1.11
C LEU A 199 -27.55 -7.75 -0.10
N PRO A 200 -28.37 -8.10 0.92
CA PRO A 200 -28.76 -7.15 1.97
C PRO A 200 -27.75 -7.14 3.11
N VAL A 201 -27.47 -5.96 3.68
CA VAL A 201 -26.68 -5.84 4.90
C VAL A 201 -27.57 -5.16 5.94
N HIS A 202 -27.51 -5.62 7.20
CA HIS A 202 -28.39 -5.12 8.26
C HIS A 202 -27.64 -4.24 9.25
N PHE A 203 -28.29 -3.18 9.74
CA PHE A 203 -27.71 -2.30 10.76
C PHE A 203 -28.78 -1.96 11.82
N TYR A 204 -28.36 -1.53 13.02
CA TYR A 204 -29.25 -1.10 14.11
C TYR A 204 -30.06 -2.30 14.59
N GLY A 205 -31.36 -2.06 14.86
CA GLY A 205 -32.28 -3.12 15.27
C GLY A 205 -32.02 -3.48 16.74
N ARG A 206 -32.41 -4.71 17.11
CA ARG A 206 -32.29 -5.19 18.49
C ARG A 206 -32.29 -6.72 18.50
N VAL A 207 -31.95 -7.30 19.65
CA VAL A 207 -31.87 -8.73 19.79
C VAL A 207 -33.11 -9.22 20.56
N GLU A 208 -33.83 -10.23 20.03
CA GLU A 208 -34.84 -10.95 20.79
C GLU A 208 -34.31 -12.35 21.05
N HIS A 209 -34.48 -12.82 22.30
CA HIS A 209 -34.21 -14.23 22.61
C HIS A 209 -35.48 -15.05 22.52
N THR A 210 -35.54 -16.04 21.63
CA THR A 210 -36.64 -17.00 21.63
C THR A 210 -36.20 -18.26 22.37
N SER A 211 -37.07 -19.27 22.37
CA SER A 211 -36.71 -20.63 22.74
C SER A 211 -35.77 -21.20 21.66
N GLN A 212 -35.92 -20.63 20.47
CA GLN A 212 -35.26 -21.00 19.21
C GLN A 212 -33.93 -20.29 19.04
N GLY A 213 -33.41 -19.63 20.09
CA GLY A 213 -32.16 -18.86 20.07
C GLY A 213 -32.37 -17.36 19.89
N ALA A 214 -31.27 -16.63 19.69
CA ALA A 214 -31.33 -15.18 19.52
C ALA A 214 -31.70 -14.85 18.08
N LYS A 215 -32.40 -13.73 17.89
CA LYS A 215 -32.85 -13.28 16.59
C LYS A 215 -32.58 -11.78 16.53
N TRP A 216 -31.95 -11.33 15.43
CA TRP A 216 -31.66 -9.91 15.23
C TRP A 216 -32.76 -9.28 14.36
N VAL A 217 -33.54 -8.30 14.90
CA VAL A 217 -34.81 -7.87 14.32
C VAL A 217 -34.86 -6.34 14.27
N ASP A 218 -35.79 -5.80 13.43
CA ASP A 218 -36.08 -4.40 13.20
C ASP A 218 -34.85 -3.65 12.75
N THR A 219 -34.11 -4.24 11.82
CA THR A 219 -32.88 -3.66 11.28
C THR A 219 -33.25 -2.75 10.09
N GLN A 220 -32.39 -1.77 9.80
CA GLN A 220 -32.41 -1.10 8.51
C GLN A 220 -31.50 -1.89 7.57
N VAL A 221 -31.97 -2.01 6.33
CA VAL A 221 -31.31 -2.77 5.30
C VAL A 221 -30.63 -1.77 4.39
N VAL A 222 -29.36 -2.05 4.09
CA VAL A 222 -28.70 -1.44 2.95
C VAL A 222 -28.35 -2.56 1.98
N LEU A 223 -28.43 -2.31 0.67
CA LEU A 223 -28.08 -3.34 -0.28
C LEU A 223 -26.62 -3.17 -0.70
N ALA A 224 -25.96 -4.31 -0.92
CA ALA A 224 -24.56 -4.32 -1.39
C ALA A 224 -24.55 -4.81 -2.82
N MET A 225 -24.21 -3.94 -3.77
CA MET A 225 -24.15 -4.34 -5.17
C MET A 225 -22.69 -4.61 -5.59
N PRO A 226 -22.29 -5.78 -6.12
CA PRO A 226 -20.87 -6.05 -6.41
C PRO A 226 -20.47 -5.60 -7.81
N TYR A 227 -19.25 -5.07 -7.94
CA TYR A 227 -18.62 -4.80 -9.25
C TYR A 227 -17.38 -5.67 -9.37
N ASP A 228 -17.23 -6.45 -10.45
CA ASP A 228 -16.04 -7.29 -10.58
C ASP A 228 -15.00 -6.69 -11.52
N THR A 229 -13.73 -6.71 -11.08
CA THR A 229 -12.61 -6.28 -11.89
C THR A 229 -11.72 -7.49 -12.13
N PRO A 230 -11.28 -7.76 -13.38
CA PRO A 230 -10.39 -8.89 -13.66
C PRO A 230 -8.97 -8.61 -13.14
N VAL A 231 -8.32 -9.63 -12.56
CA VAL A 231 -6.93 -9.58 -12.16
C VAL A 231 -6.13 -10.62 -12.95
N PRO A 232 -5.34 -10.22 -13.97
CA PRO A 232 -4.64 -11.21 -14.79
C PRO A 232 -3.33 -11.65 -14.16
N GLY A 233 -3.09 -12.98 -14.15
CA GLY A 233 -1.78 -13.53 -13.85
C GLY A 233 -0.73 -13.21 -14.93
N TYR A 234 0.57 -13.37 -14.59
CA TYR A 234 1.63 -13.09 -15.56
C TYR A 234 1.78 -14.26 -16.53
N ARG A 235 1.33 -14.00 -17.75
CA ARG A 235 1.44 -14.91 -18.90
C ARG A 235 1.00 -16.34 -18.55
N ASN A 236 0.02 -16.54 -17.68
CA ASN A 236 -0.40 -17.94 -17.43
C ASN A 236 -1.87 -18.14 -17.79
N ASN A 237 -2.50 -17.13 -18.41
CA ASN A 237 -3.90 -17.20 -18.73
C ASN A 237 -4.81 -17.39 -17.52
N VAL A 238 -4.33 -17.18 -16.30
CA VAL A 238 -5.24 -17.12 -15.16
C VAL A 238 -5.74 -15.68 -15.01
N VAL A 239 -7.06 -15.52 -14.81
CA VAL A 239 -7.64 -14.22 -14.50
C VAL A 239 -8.57 -14.40 -13.30
N ASN A 240 -8.21 -13.78 -12.17
CA ASN A 240 -8.91 -13.91 -10.91
C ASN A 240 -9.79 -12.67 -10.80
N THR A 241 -10.58 -12.58 -9.73
CA THR A 241 -11.57 -11.52 -9.63
C THR A 241 -11.27 -10.67 -8.39
N MET A 242 -11.38 -9.34 -8.56
CA MET A 242 -11.50 -8.44 -7.43
C MET A 242 -12.94 -7.91 -7.38
N ARG A 243 -13.67 -8.21 -6.29
CA ARG A 243 -15.07 -7.83 -6.18
C ARG A 243 -15.22 -6.70 -5.16
N LEU A 244 -15.79 -5.56 -5.60
CA LEU A 244 -15.93 -4.43 -4.70
C LEU A 244 -17.42 -4.12 -4.55
N TRP A 245 -17.86 -3.86 -3.31
CA TRP A 245 -19.27 -3.65 -3.07
C TRP A 245 -19.57 -2.16 -3.09
N SER A 246 -20.71 -1.83 -3.69
CA SER A 246 -21.30 -0.50 -3.66
C SER A 246 -22.58 -0.49 -2.84
N ALA A 247 -22.88 0.59 -2.14
CA ALA A 247 -24.08 0.64 -1.31
C ALA A 247 -25.25 1.25 -2.07
N LYS A 248 -26.43 0.61 -2.02
CA LYS A 248 -27.64 1.08 -2.69
C LYS A 248 -28.79 1.03 -1.72
N ALA A 249 -29.75 1.95 -1.82
CA ALA A 249 -30.88 1.91 -0.90
C ALA A 249 -31.89 0.88 -1.42
N PRO A 250 -32.66 0.19 -0.55
CA PRO A 250 -33.82 -0.58 -1.04
C PRO A 250 -34.89 0.36 -1.60
N ASN A 251 -35.78 -0.15 -2.47
CA ASN A 251 -36.75 0.69 -3.19
C ASN A 251 -37.90 1.17 -2.31
N ASP A 252 -38.18 0.44 -1.22
CA ASP A 252 -39.19 0.88 -0.27
C ASP A 252 -38.56 1.75 0.82
N PHE A 253 -37.32 2.24 0.62
CA PHE A 253 -36.55 3.03 1.59
C PHE A 253 -37.25 4.36 1.86
N ASN A 254 -37.56 4.57 3.15
CA ASN A 254 -38.36 5.65 3.72
C ASN A 254 -39.85 5.42 3.40
N LEU A 255 -40.10 4.56 2.39
CA LEU A 255 -41.36 4.43 1.66
C LEU A 255 -42.03 3.10 2.02
N GLY A 262 -42.46 14.09 3.13
CA GLY A 262 -43.21 13.67 1.94
C GLY A 262 -42.38 12.80 0.99
N TYR A 263 -42.99 12.48 -0.17
CA TYR A 263 -42.43 11.62 -1.19
C TYR A 263 -41.02 12.08 -1.62
N ILE A 264 -40.84 13.36 -1.95
CA ILE A 264 -39.61 13.86 -2.55
C ILE A 264 -38.44 13.65 -1.59
N GLN A 265 -38.64 14.02 -0.32
CA GLN A 265 -37.65 13.93 0.74
C GLN A 265 -37.23 12.49 0.99
N ALA A 266 -38.20 11.56 0.99
CA ALA A 266 -37.92 10.13 1.07
C ALA A 266 -36.98 9.67 -0.05
N VAL A 267 -37.19 10.19 -1.27
CA VAL A 267 -36.33 9.81 -2.37
C VAL A 267 -34.95 10.40 -2.16
N LEU A 268 -34.88 11.68 -1.74
CA LEU A 268 -33.58 12.35 -1.54
C LEU A 268 -32.80 11.68 -0.39
N ASP A 269 -33.50 11.12 0.62
CA ASP A 269 -32.85 10.53 1.77
C ASP A 269 -32.20 9.19 1.45
N ARG A 270 -32.41 8.64 0.23
CA ARG A 270 -31.70 7.45 -0.17
C ARG A 270 -30.18 7.62 -0.07
N ASN A 271 -29.72 8.88 -0.06
CA ASN A 271 -28.33 9.27 0.01
C ASN A 271 -27.69 8.83 1.33
N LEU A 272 -28.45 8.87 2.41
CA LEU A 272 -27.89 8.45 3.68
C LEU A 272 -27.40 6.99 3.63
N ALA A 273 -28.08 6.09 2.90
CA ALA A 273 -27.64 4.70 2.89
C ALA A 273 -26.48 4.57 1.91
N GLU A 274 -26.48 5.40 0.88
CA GLU A 274 -25.49 5.20 -0.17
C GLU A 274 -24.18 5.89 0.22
N ASN A 275 -24.18 6.73 1.27
CA ASN A 275 -22.96 7.37 1.76
C ASN A 275 -21.94 6.32 2.22
N ILE A 276 -22.37 5.07 2.50
CA ILE A 276 -21.46 4.09 3.08
C ILE A 276 -20.27 3.87 2.15
N SER A 277 -20.51 3.84 0.85
CA SER A 277 -19.46 3.54 -0.12
C SER A 277 -18.98 4.82 -0.82
N ARG A 278 -19.26 6.00 -0.27
CA ARG A 278 -19.01 7.22 -1.03
C ARG A 278 -17.51 7.53 -1.06
N VAL A 279 -16.85 7.38 0.09
CA VAL A 279 -15.53 7.99 0.23
C VAL A 279 -14.57 7.18 1.12
N LEU A 280 -13.34 7.05 0.64
CA LEU A 280 -12.26 6.41 1.40
C LEU A 280 -11.80 7.36 2.52
N TYR A 281 -11.70 6.84 3.75
CA TYR A 281 -11.05 7.60 4.81
C TYR A 281 -9.58 7.77 4.50
N PRO A 282 -9.12 9.04 4.42
CA PRO A 282 -7.76 9.37 3.96
C PRO A 282 -6.69 9.41 5.07
N ASN A 283 -6.84 8.59 6.10
CA ASN A 283 -5.85 8.44 7.17
C ASN A 283 -4.91 7.26 6.95
N ASP A 284 -3.63 7.51 7.05
CA ASP A 284 -2.68 6.43 6.86
C ASP A 284 -2.15 6.08 8.25
N ASN A 285 -2.39 4.85 8.72
CA ASN A 285 -1.80 4.50 10.02
C ASN A 285 -2.34 5.44 11.10
N PHE A 286 -3.65 5.70 11.08
CA PHE A 286 -4.21 6.48 12.17
C PHE A 286 -5.66 6.03 12.36
N PHE A 287 -6.08 5.80 13.61
CA PHE A 287 -7.46 5.39 13.87
C PHE A 287 -8.34 6.60 14.18
N GLU A 288 -9.40 6.77 13.40
CA GLU A 288 -10.45 7.75 13.69
C GLU A 288 -11.74 6.98 13.95
N GLY A 289 -12.29 7.12 15.17
CA GLY A 289 -13.45 6.35 15.59
C GLY A 289 -14.81 6.94 15.18
N LYS A 290 -15.08 7.06 13.88
CA LYS A 290 -16.36 7.61 13.44
C LYS A 290 -17.30 6.49 13.00
N GLU A 291 -18.58 6.72 13.25
CA GLU A 291 -19.63 5.78 12.93
C GLU A 291 -19.62 5.37 11.46
N LEU A 292 -19.42 6.32 10.53
CA LEU A 292 -19.49 5.97 9.12
C LEU A 292 -18.38 4.95 8.77
N ARG A 293 -17.22 5.07 9.41
CA ARG A 293 -16.12 4.13 9.19
C ARG A 293 -16.49 2.71 9.67
N LEU A 294 -17.19 2.63 10.80
CA LEU A 294 -17.60 1.34 11.31
C LEU A 294 -18.62 0.70 10.36
N LYS A 295 -19.53 1.51 9.80
CA LYS A 295 -20.47 1.04 8.80
C LYS A 295 -19.74 0.50 7.59
N GLN A 296 -18.69 1.18 7.15
CA GLN A 296 -17.92 0.69 6.02
C GLN A 296 -17.36 -0.67 6.39
N GLU A 297 -16.82 -0.80 7.61
CA GLU A 297 -16.15 -2.04 7.98
C GLU A 297 -17.17 -3.19 7.98
N TYR A 298 -18.33 -2.95 8.60
CA TYR A 298 -19.32 -4.01 8.66
C TYR A 298 -19.89 -4.36 7.27
N PHE A 299 -20.16 -3.32 6.47
CA PHE A 299 -20.74 -3.49 5.13
C PHE A 299 -19.89 -4.44 4.29
N VAL A 300 -18.58 -4.26 4.27
CA VAL A 300 -17.77 -5.12 3.41
C VAL A 300 -17.70 -6.57 3.94
N VAL A 301 -17.70 -6.71 5.26
CA VAL A 301 -17.57 -7.99 5.91
C VAL A 301 -18.87 -8.79 5.73
N ALA A 302 -20.03 -8.17 6.04
CA ALA A 302 -21.32 -8.84 5.92
C ALA A 302 -21.65 -9.31 4.50
N ALA A 303 -21.45 -8.44 3.50
CA ALA A 303 -21.76 -8.81 2.12
C ALA A 303 -20.79 -9.92 1.64
N THR A 304 -19.51 -9.81 2.06
CA THR A 304 -18.48 -10.78 1.64
C THR A 304 -18.74 -12.17 2.24
N LEU A 305 -19.03 -12.22 3.54
CA LEU A 305 -19.29 -13.51 4.15
C LEU A 305 -20.48 -14.23 3.52
N GLN A 306 -21.54 -13.51 3.12
CA GLN A 306 -22.69 -14.19 2.51
C GLN A 306 -22.34 -14.76 1.14
N ASP A 307 -21.51 -14.00 0.40
CA ASP A 307 -21.02 -14.49 -0.86
C ASP A 307 -20.13 -15.72 -0.65
N ILE A 308 -19.32 -15.69 0.41
CA ILE A 308 -18.44 -16.81 0.69
C ILE A 308 -19.30 -18.04 0.99
N ILE A 309 -20.33 -17.89 1.84
CA ILE A 309 -21.07 -19.05 2.29
C ILE A 309 -21.86 -19.66 1.12
N ARG A 310 -22.48 -18.78 0.30
CA ARG A 310 -23.20 -19.14 -0.90
C ARG A 310 -22.34 -20.03 -1.80
N ARG A 311 -21.13 -19.58 -2.17
CA ARG A 311 -20.20 -20.32 -3.01
C ARG A 311 -19.86 -21.66 -2.36
N PHE A 312 -19.65 -21.70 -1.04
CA PHE A 312 -19.35 -22.95 -0.36
C PHE A 312 -20.52 -23.93 -0.44
N LYS A 313 -21.75 -23.45 -0.34
CA LYS A 313 -22.92 -24.32 -0.30
C LYS A 313 -23.18 -24.91 -1.69
N SER A 314 -22.67 -24.28 -2.75
CA SER A 314 -22.87 -24.75 -4.12
C SER A 314 -21.76 -25.74 -4.53
N SER A 315 -21.41 -26.69 -3.66
CA SER A 315 -20.42 -27.70 -3.98
C SER A 315 -21.09 -29.07 -4.13
N THR A 325 -25.01 -27.69 4.61
CA THR A 325 -25.23 -28.37 5.93
C THR A 325 -23.90 -28.70 6.60
N ASN A 326 -22.88 -29.14 5.85
CA ASN A 326 -21.74 -29.71 6.57
C ASN A 326 -20.56 -28.75 6.68
N PHE A 327 -20.53 -28.02 7.81
CA PHE A 327 -19.58 -26.94 7.99
C PHE A 327 -18.22 -27.46 8.44
N ASP A 328 -18.11 -28.76 8.72
CA ASP A 328 -16.82 -29.31 9.15
C ASP A 328 -15.77 -29.09 8.08
N ALA A 329 -16.14 -29.18 6.80
CA ALA A 329 -15.21 -29.02 5.70
C ALA A 329 -14.98 -27.54 5.36
N PHE A 330 -15.69 -26.61 6.00
CA PHE A 330 -15.65 -25.21 5.62
C PHE A 330 -14.20 -24.70 5.60
N PRO A 331 -13.36 -24.93 6.64
CA PRO A 331 -11.96 -24.48 6.62
C PRO A 331 -11.05 -25.25 5.64
N ASP A 332 -11.51 -26.37 5.13
CA ASP A 332 -10.76 -27.02 4.07
C ASP A 332 -11.02 -26.37 2.71
N LYS A 333 -12.11 -25.58 2.61
CA LYS A 333 -12.56 -25.03 1.35
C LYS A 333 -12.40 -23.50 1.36
N VAL A 334 -12.12 -22.89 2.53
CA VAL A 334 -12.10 -21.44 2.63
C VAL A 334 -10.94 -20.97 3.52
N ALA A 335 -10.21 -19.95 3.03
CA ALA A 335 -9.34 -19.15 3.87
C ALA A 335 -9.80 -17.69 3.79
N ILE A 336 -9.89 -17.03 4.93
CA ILE A 336 -10.12 -15.59 4.98
C ILE A 336 -8.92 -14.94 5.65
N GLN A 337 -8.24 -14.10 4.86
CA GLN A 337 -7.14 -13.29 5.33
C GLN A 337 -7.63 -11.88 5.67
N LEU A 338 -7.39 -11.43 6.92
CA LEU A 338 -7.76 -10.09 7.35
C LEU A 338 -6.58 -9.13 7.22
N ASN A 339 -6.72 -8.15 6.31
CA ASN A 339 -5.66 -7.18 6.05
C ASN A 339 -5.81 -6.08 7.11
N ASP A 340 -5.05 -6.20 8.22
CA ASP A 340 -5.21 -5.37 9.40
C ASP A 340 -6.53 -5.70 10.09
N THR A 341 -6.92 -4.92 11.10
CA THR A 341 -8.10 -5.22 11.90
C THR A 341 -9.36 -4.61 11.27
N HIS A 342 -9.21 -3.94 10.11
CA HIS A 342 -10.31 -3.19 9.53
C HIS A 342 -11.47 -4.13 9.22
N PRO A 343 -11.26 -5.38 8.74
CA PRO A 343 -12.35 -6.35 8.60
C PRO A 343 -12.46 -7.38 9.72
N SER A 344 -12.02 -6.99 10.92
CA SER A 344 -12.02 -7.85 12.10
C SER A 344 -13.44 -8.33 12.41
N LEU A 345 -14.47 -7.61 11.96
CA LEU A 345 -15.83 -8.02 12.33
C LEU A 345 -16.21 -9.30 11.57
N ALA A 346 -15.40 -9.73 10.60
CA ALA A 346 -15.56 -11.05 9.98
C ALA A 346 -15.67 -12.16 11.04
N ILE A 347 -14.92 -12.02 12.14
CA ILE A 347 -14.89 -13.07 13.15
C ILE A 347 -16.26 -13.22 13.85
N PRO A 348 -16.82 -12.18 14.51
CA PRO A 348 -18.16 -12.31 15.09
C PRO A 348 -19.29 -12.45 14.08
N GLU A 349 -19.07 -11.98 12.84
CA GLU A 349 -20.06 -12.14 11.79
C GLU A 349 -20.14 -13.60 11.40
N LEU A 350 -18.98 -14.25 11.26
CA LEU A 350 -19.03 -15.67 10.92
C LEU A 350 -19.66 -16.47 12.08
N MET A 351 -19.36 -16.09 13.32
CA MET A 351 -20.00 -16.74 14.45
C MET A 351 -21.52 -16.58 14.37
N ARG A 352 -21.97 -15.35 14.08
CA ARG A 352 -23.38 -15.00 14.04
C ARG A 352 -24.12 -15.91 13.06
N VAL A 353 -23.57 -16.00 11.85
CA VAL A 353 -24.18 -16.79 10.82
C VAL A 353 -24.20 -18.26 11.24
N LEU A 354 -23.05 -18.81 11.70
CA LEU A 354 -23.01 -20.23 12.05
C LEU A 354 -23.94 -20.51 13.22
N VAL A 355 -23.92 -19.63 14.22
CA VAL A 355 -24.64 -19.94 15.45
C VAL A 355 -26.12 -19.61 15.23
N ASP A 356 -26.41 -18.38 14.77
CA ASP A 356 -27.77 -17.84 14.76
C ASP A 356 -28.53 -18.39 13.57
N LEU A 357 -27.89 -18.58 12.41
CA LEU A 357 -28.68 -18.85 11.21
C LEU A 357 -28.60 -20.32 10.84
N GLU A 358 -27.42 -20.96 10.99
CA GLU A 358 -27.18 -22.34 10.62
C GLU A 358 -27.33 -23.23 11.85
N ARG A 359 -27.35 -22.62 13.04
CA ARG A 359 -27.69 -23.34 14.26
C ARG A 359 -26.64 -24.36 14.68
N LEU A 360 -25.36 -24.11 14.36
CA LEU A 360 -24.27 -24.89 14.94
C LEU A 360 -24.19 -24.51 16.40
N ASP A 361 -23.69 -25.41 17.23
CA ASP A 361 -23.41 -25.02 18.61
C ASP A 361 -22.14 -24.16 18.63
N TRP A 362 -22.04 -23.33 19.67
CA TRP A 362 -20.95 -22.40 19.84
C TRP A 362 -19.57 -23.01 19.53
N ASP A 363 -19.20 -24.13 20.18
CA ASP A 363 -17.83 -24.62 20.15
C ASP A 363 -17.40 -25.10 18.76
N LYS A 364 -18.33 -25.69 18.03
CA LYS A 364 -18.04 -26.12 16.68
C LYS A 364 -17.89 -24.91 15.75
N ALA A 365 -18.80 -23.93 15.90
CA ALA A 365 -18.71 -22.69 15.15
C ALA A 365 -17.35 -22.02 15.39
N TRP A 366 -16.92 -21.94 16.66
CA TRP A 366 -15.70 -21.25 17.01
C TRP A 366 -14.51 -21.96 16.36
N GLU A 367 -14.54 -23.30 16.38
CA GLU A 367 -13.50 -24.12 15.80
C GLU A 367 -13.35 -23.78 14.31
N VAL A 368 -14.48 -23.74 13.62
CA VAL A 368 -14.52 -23.42 12.21
C VAL A 368 -14.02 -22.00 12.00
N THR A 369 -14.45 -21.06 12.85
CA THR A 369 -14.06 -19.66 12.71
C THR A 369 -12.54 -19.52 12.82
N VAL A 370 -11.96 -20.13 13.86
CA VAL A 370 -10.54 -19.95 14.09
C VAL A 370 -9.74 -20.55 12.93
N LYS A 371 -10.19 -21.68 12.40
CA LYS A 371 -9.39 -22.34 11.39
C LYS A 371 -9.57 -21.67 10.04
N THR A 372 -10.63 -20.86 9.90
CA THR A 372 -10.85 -20.09 8.70
C THR A 372 -9.97 -18.83 8.64
N CYS A 373 -9.84 -18.12 9.75
CA CYS A 373 -9.43 -16.72 9.74
C CYS A 373 -7.96 -16.61 10.10
N ALA A 374 -7.31 -15.61 9.49
CA ALA A 374 -5.91 -15.32 9.79
C ALA A 374 -5.76 -13.81 9.70
N TYR A 375 -4.90 -13.24 10.56
CA TYR A 375 -4.79 -11.80 10.74
C TYR A 375 -3.36 -11.35 10.42
N THR A 376 -3.22 -10.31 9.58
CA THR A 376 -1.97 -9.62 9.36
C THR A 376 -2.00 -8.23 10.02
N ASN A 377 -1.05 -8.03 10.92
CA ASN A 377 -0.85 -6.76 11.60
C ASN A 377 0.15 -5.92 10.81
N HIS A 378 -0.09 -4.60 10.72
CA HIS A 378 0.71 -3.74 9.86
C HIS A 378 1.42 -2.65 10.65
N THR A 379 1.15 -2.51 11.94
CA THR A 379 1.79 -1.43 12.66
C THR A 379 1.72 -1.68 14.16
N VAL A 380 2.69 -1.12 14.89
CA VAL A 380 2.66 -1.12 16.33
C VAL A 380 2.36 0.28 16.83
N LEU A 381 2.26 1.29 15.95
CA LEU A 381 1.97 2.60 16.52
C LEU A 381 0.62 2.58 17.24
N PRO A 382 0.57 2.97 18.53
CA PRO A 382 -0.67 2.95 19.31
C PRO A 382 -1.77 3.79 18.68
N GLU A 383 -1.42 4.90 18.05
CA GLU A 383 -2.49 5.70 17.46
C GLU A 383 -3.16 4.99 16.26
N ALA A 384 -2.57 3.91 15.72
CA ALA A 384 -3.21 3.20 14.61
C ALA A 384 -4.17 2.12 15.14
N LEU A 385 -4.05 1.70 16.41
CA LEU A 385 -4.82 0.55 16.87
C LEU A 385 -6.29 0.95 16.91
N GLU A 386 -7.19 0.10 16.36
CA GLU A 386 -8.61 0.37 16.37
C GLU A 386 -9.18 -0.12 17.68
N ARG A 387 -9.80 0.80 18.44
CA ARG A 387 -10.48 0.52 19.68
C ARG A 387 -11.85 1.19 19.64
N TRP A 388 -12.89 0.44 19.29
CA TRP A 388 -14.21 0.99 19.08
C TRP A 388 -14.92 1.17 20.41
N PRO A 389 -15.52 2.34 20.67
CA PRO A 389 -16.39 2.52 21.85
C PRO A 389 -17.54 1.52 21.82
N VAL A 390 -17.73 0.84 22.95
CA VAL A 390 -18.85 -0.05 23.18
C VAL A 390 -20.20 0.59 22.78
N HIS A 391 -20.44 1.87 23.03
CA HIS A 391 -21.77 2.42 22.80
C HIS A 391 -22.04 2.50 21.30
N LEU A 392 -21.01 2.68 20.48
CA LEU A 392 -21.21 2.58 19.04
C LEU A 392 -21.64 1.18 18.61
N LEU A 393 -20.99 0.13 19.12
CA LEU A 393 -21.27 -1.23 18.67
C LEU A 393 -22.65 -1.62 19.17
N GLU A 394 -23.03 -1.09 20.34
CA GLU A 394 -24.28 -1.43 20.99
C GLU A 394 -25.45 -0.97 20.13
N THR A 395 -25.37 0.26 19.63
CA THR A 395 -26.41 0.86 18.83
C THR A 395 -26.39 0.23 17.43
N LEU A 396 -25.20 0.05 16.84
CA LEU A 396 -25.10 -0.30 15.43
C LEU A 396 -25.19 -1.81 15.19
N LEU A 397 -24.60 -2.62 16.08
CA LEU A 397 -24.41 -4.05 15.86
C LEU A 397 -24.62 -4.81 17.15
N PRO A 398 -25.83 -4.68 17.76
CA PRO A 398 -26.09 -5.20 19.11
C PRO A 398 -25.79 -6.68 19.24
N ARG A 399 -26.06 -7.45 18.17
CA ARG A 399 -25.79 -8.88 18.28
C ARG A 399 -24.29 -9.20 18.28
N HIS A 400 -23.51 -8.53 17.42
CA HIS A 400 -22.06 -8.64 17.38
C HIS A 400 -21.48 -8.27 18.74
N LEU A 401 -22.10 -7.30 19.42
CA LEU A 401 -21.48 -6.96 20.69
C LEU A 401 -21.65 -8.13 21.66
N GLN A 402 -22.77 -8.86 21.55
CA GLN A 402 -23.03 -9.93 22.50
C GLN A 402 -22.10 -11.09 22.20
N ILE A 403 -21.84 -11.30 20.92
CA ILE A 403 -20.96 -12.39 20.53
C ILE A 403 -19.56 -12.03 21.00
N ILE A 404 -19.23 -10.74 20.93
CA ILE A 404 -17.89 -10.32 21.34
C ILE A 404 -17.69 -10.58 22.83
N TYR A 405 -18.69 -10.25 23.68
CA TYR A 405 -18.56 -10.42 25.12
C TYR A 405 -18.39 -11.90 25.46
N GLU A 406 -19.10 -12.74 24.69
CA GLU A 406 -19.07 -14.18 24.85
C GLU A 406 -17.70 -14.73 24.43
N ILE A 407 -17.18 -14.26 23.29
CA ILE A 407 -15.83 -14.64 22.87
C ILE A 407 -14.87 -14.28 24.01
N ASN A 408 -14.99 -13.06 24.55
CA ASN A 408 -14.08 -12.55 25.56
C ASN A 408 -14.10 -13.47 26.78
N GLN A 409 -15.31 -13.80 27.25
CA GLN A 409 -15.48 -14.55 28.48
C GLN A 409 -14.80 -15.91 28.33
N ARG A 410 -15.03 -16.59 27.22
CA ARG A 410 -14.46 -17.91 27.02
C ARG A 410 -12.95 -17.83 26.85
N PHE A 411 -12.49 -16.73 26.25
CA PHE A 411 -11.07 -16.56 26.04
C PHE A 411 -10.37 -16.33 27.38
N LEU A 412 -10.99 -15.52 28.23
CA LEU A 412 -10.34 -15.14 29.46
C LEU A 412 -10.34 -16.35 30.39
N ASN A 413 -11.33 -17.26 30.26
CA ASN A 413 -11.35 -18.48 31.07
C ASN A 413 -10.17 -19.35 30.69
N ARG A 414 -9.73 -19.28 29.44
CA ARG A 414 -8.59 -20.07 29.03
C ARG A 414 -7.30 -19.47 29.60
N VAL A 415 -7.19 -18.13 29.65
CA VAL A 415 -6.05 -17.43 30.24
C VAL A 415 -5.94 -17.74 31.74
N ALA A 416 -7.07 -17.61 32.47
CA ALA A 416 -7.19 -17.93 33.88
C ALA A 416 -6.63 -19.32 34.14
N ALA A 417 -6.97 -20.29 33.28
CA ALA A 417 -6.59 -21.67 33.53
C ALA A 417 -5.10 -21.89 33.25
N ALA A 418 -4.50 -21.11 32.32
CA ALA A 418 -3.10 -21.33 31.99
C ALA A 418 -2.19 -20.55 32.94
N PHE A 419 -2.69 -19.41 33.48
CA PHE A 419 -1.93 -18.48 34.29
C PHE A 419 -2.72 -18.17 35.56
N PRO A 420 -3.00 -19.19 36.41
CA PRO A 420 -3.95 -19.01 37.52
C PRO A 420 -3.40 -17.95 38.46
N GLY A 421 -4.28 -17.06 38.92
CA GLY A 421 -3.93 -16.00 39.85
C GLY A 421 -3.34 -14.75 39.19
N ASP A 422 -2.97 -14.82 37.91
CA ASP A 422 -2.37 -13.65 37.26
C ASP A 422 -3.48 -12.68 36.85
N VAL A 423 -3.97 -11.88 37.80
CA VAL A 423 -5.08 -10.99 37.53
C VAL A 423 -4.68 -9.85 36.60
N ASP A 424 -3.42 -9.43 36.61
CA ASP A 424 -3.03 -8.37 35.69
C ASP A 424 -3.11 -8.83 34.22
N ARG A 425 -2.68 -10.06 33.95
CA ARG A 425 -2.70 -10.60 32.61
C ARG A 425 -4.14 -10.56 32.08
N LEU A 426 -5.13 -10.91 32.91
CA LEU A 426 -6.53 -10.93 32.48
C LEU A 426 -6.92 -9.55 31.98
N ARG A 427 -6.67 -8.51 32.77
CA ARG A 427 -6.99 -7.14 32.38
C ARG A 427 -6.26 -6.78 31.08
N ARG A 428 -4.98 -7.13 30.92
CA ARG A 428 -4.21 -6.76 29.74
C ARG A 428 -4.73 -7.52 28.51
N MET A 429 -5.30 -8.71 28.69
CA MET A 429 -5.55 -9.51 27.51
C MET A 429 -7.01 -9.36 27.08
N SER A 430 -7.81 -8.70 27.93
CA SER A 430 -9.25 -8.60 27.69
C SER A 430 -9.51 -8.02 26.29
N LEU A 431 -10.57 -8.48 25.63
CA LEU A 431 -10.97 -7.79 24.40
C LEU A 431 -11.65 -6.47 24.77
N VAL A 432 -12.14 -6.38 26.02
CA VAL A 432 -12.87 -5.21 26.49
C VAL A 432 -11.92 -4.36 27.33
N GLU A 433 -11.60 -3.14 26.90
CA GLU A 433 -10.83 -2.22 27.72
C GLU A 433 -11.74 -1.33 28.57
N GLU A 434 -11.45 -1.25 29.89
CA GLU A 434 -12.14 -0.44 30.88
C GLU A 434 -11.68 1.02 30.81
N GLY A 435 -12.48 1.95 31.36
CA GLY A 435 -12.13 3.36 31.29
C GLY A 435 -13.38 4.24 31.33
N ALA A 436 -13.19 5.53 31.12
CA ALA A 436 -14.34 6.42 31.03
C ALA A 436 -15.31 5.85 29.99
N VAL A 437 -14.74 5.56 28.80
CA VAL A 437 -15.40 4.84 27.73
C VAL A 437 -14.81 3.44 27.64
N LYS A 438 -15.66 2.43 27.82
CA LYS A 438 -15.35 1.05 27.46
C LYS A 438 -15.14 1.00 25.95
N ARG A 439 -14.19 0.17 25.50
CA ARG A 439 -13.81 0.02 24.11
C ARG A 439 -13.55 -1.46 23.81
N ILE A 440 -13.80 -1.89 22.58
CA ILE A 440 -13.33 -3.20 22.14
C ILE A 440 -11.98 -3.03 21.44
N ASN A 441 -11.03 -3.88 21.81
CA ASN A 441 -9.71 -3.89 21.17
C ASN A 441 -9.75 -4.88 20.00
N MET A 442 -9.77 -4.35 18.76
CA MET A 442 -10.01 -5.20 17.61
C MET A 442 -8.82 -6.11 17.33
N ALA A 443 -7.61 -5.67 17.71
CA ALA A 443 -6.44 -6.52 17.56
C ALA A 443 -6.53 -7.78 18.44
N HIS A 444 -6.99 -7.59 19.69
CA HIS A 444 -7.18 -8.71 20.61
C HIS A 444 -8.17 -9.69 20.01
N LEU A 445 -9.27 -9.18 19.46
CA LEU A 445 -10.27 -10.04 18.87
C LEU A 445 -9.67 -10.82 17.69
N CYS A 446 -8.86 -10.12 16.85
CA CYS A 446 -8.30 -10.83 15.70
C CYS A 446 -7.41 -11.97 16.15
N ILE A 447 -6.60 -11.74 17.20
CA ILE A 447 -5.68 -12.76 17.70
C ILE A 447 -6.48 -13.93 18.25
N ALA A 448 -7.53 -13.68 19.07
CA ALA A 448 -8.27 -14.77 19.71
C ALA A 448 -8.94 -15.59 18.61
N GLY A 449 -9.34 -14.94 17.50
CA GLY A 449 -10.24 -15.60 16.57
C GLY A 449 -9.55 -16.07 15.29
N SER A 450 -8.20 -16.08 15.26
CA SER A 450 -7.39 -16.48 14.10
C SER A 450 -6.47 -17.64 14.46
N HIS A 451 -6.25 -18.59 13.53
CA HIS A 451 -5.21 -19.60 13.72
C HIS A 451 -3.83 -19.03 13.41
N ALA A 452 -3.70 -17.90 12.71
CA ALA A 452 -2.34 -17.40 12.49
C ALA A 452 -2.38 -15.88 12.55
N VAL A 453 -1.32 -15.29 13.10
CA VAL A 453 -1.11 -13.86 13.17
C VAL A 453 0.30 -13.60 12.63
N ASN A 454 0.41 -12.72 11.64
CA ASN A 454 1.75 -12.44 11.14
C ASN A 454 2.06 -10.95 11.18
N GLY A 455 3.34 -10.63 11.39
CA GLY A 455 3.84 -9.30 11.06
C GLY A 455 4.45 -9.35 9.67
N VAL A 456 5.05 -8.22 9.27
CA VAL A 456 5.21 -7.94 7.84
C VAL A 456 6.70 -7.75 7.52
N ALA A 457 7.56 -7.94 8.55
CA ALA A 457 9.01 -8.04 8.37
C ALA A 457 9.59 -8.71 9.63
N ARG A 458 10.79 -9.27 9.51
CA ARG A 458 11.30 -10.09 10.62
C ARG A 458 11.37 -9.32 11.94
N ILE A 459 11.86 -8.09 11.93
CA ILE A 459 12.02 -7.35 13.16
C ILE A 459 10.64 -6.98 13.74
N HIS A 460 9.69 -6.67 12.85
CA HIS A 460 8.35 -6.29 13.26
C HIS A 460 7.67 -7.49 13.92
N SER A 461 7.81 -8.68 13.31
CA SER A 461 7.23 -9.86 13.93
C SER A 461 7.88 -10.16 15.28
N GLU A 462 9.19 -9.92 15.42
CA GLU A 462 9.86 -10.11 16.70
C GLU A 462 9.29 -9.14 17.72
N ILE A 463 9.09 -7.89 17.30
CA ILE A 463 8.58 -6.87 18.21
C ILE A 463 7.16 -7.25 18.67
N LEU A 464 6.36 -7.89 17.79
CA LEU A 464 5.02 -8.29 18.19
C LEU A 464 5.13 -9.30 19.33
N LYS A 465 6.09 -10.23 19.22
CA LYS A 465 6.30 -11.28 20.20
C LYS A 465 6.85 -10.74 21.54
N LYS A 466 7.63 -9.66 21.51
CA LYS A 466 8.37 -9.23 22.68
C LYS A 466 7.64 -8.14 23.43
N THR A 467 6.84 -7.31 22.75
CA THR A 467 6.24 -6.15 23.40
C THR A 467 4.71 -6.23 23.35
N ILE A 468 4.06 -5.83 22.25
CA ILE A 468 2.64 -5.54 22.31
C ILE A 468 1.75 -6.78 22.30
N PHE A 469 2.21 -7.95 21.81
CA PHE A 469 1.36 -9.15 21.88
C PHE A 469 2.02 -10.25 22.70
N LYS A 470 3.02 -9.86 23.50
CA LYS A 470 3.76 -10.75 24.38
C LYS A 470 2.81 -11.68 25.15
N ASP A 471 1.75 -11.16 25.79
CA ASP A 471 0.87 -12.00 26.58
C ASP A 471 0.21 -13.10 25.72
N PHE A 472 -0.19 -12.76 24.46
CA PHE A 472 -0.85 -13.66 23.53
C PHE A 472 0.15 -14.70 23.00
N TYR A 473 1.36 -14.23 22.69
CA TYR A 473 2.43 -15.12 22.32
C TYR A 473 2.73 -16.16 23.41
N GLU A 474 2.71 -15.78 24.70
CA GLU A 474 2.93 -16.76 25.75
C GLU A 474 1.79 -17.78 25.82
N LEU A 475 0.53 -17.36 25.58
CA LEU A 475 -0.59 -18.31 25.56
C LEU A 475 -0.53 -19.21 24.34
N GLU A 476 -0.30 -18.69 23.13
CA GLU A 476 -0.40 -19.54 21.96
C GLU A 476 0.79 -19.25 21.03
N PRO A 477 2.00 -19.73 21.39
CA PRO A 477 3.20 -19.44 20.60
C PRO A 477 3.07 -19.80 19.13
N HIS A 478 2.35 -20.88 18.84
CA HIS A 478 2.21 -21.45 17.53
C HIS A 478 1.47 -20.52 16.56
N LYS A 479 0.63 -19.58 17.03
CA LYS A 479 -0.11 -18.67 16.16
C LYS A 479 0.81 -17.69 15.43
N PHE A 480 1.98 -17.34 15.98
CA PHE A 480 2.66 -16.13 15.55
C PHE A 480 3.71 -16.43 14.48
N GLN A 481 3.65 -15.74 13.32
CA GLN A 481 4.51 -16.01 12.19
C GLN A 481 5.03 -14.68 11.67
N ASN A 482 6.02 -14.74 10.79
CA ASN A 482 6.50 -13.62 9.99
C ASN A 482 6.15 -13.92 8.53
N LYS A 483 5.75 -12.89 7.76
CA LYS A 483 5.71 -12.97 6.31
C LYS A 483 6.21 -11.62 5.81
N THR A 484 7.51 -11.52 5.52
CA THR A 484 8.06 -10.25 5.08
C THR A 484 7.40 -9.86 3.76
N ASN A 485 7.01 -8.59 3.67
CA ASN A 485 6.39 -8.00 2.50
C ASN A 485 7.26 -8.16 1.27
N GLY A 486 6.63 -8.06 0.10
CA GLY A 486 7.34 -7.90 -1.15
C GLY A 486 6.51 -7.04 -2.10
N ILE A 487 6.99 -6.91 -3.34
CA ILE A 487 6.36 -6.11 -4.36
C ILE A 487 6.40 -6.95 -5.62
N THR A 488 5.43 -6.66 -6.50
CA THR A 488 5.35 -7.30 -7.81
C THR A 488 6.43 -6.78 -8.76
N PRO A 489 7.32 -7.64 -9.29
CA PRO A 489 8.29 -7.19 -10.29
C PRO A 489 7.65 -6.89 -11.65
N ARG A 490 6.36 -7.25 -11.84
CA ARG A 490 5.63 -6.86 -13.05
C ARG A 490 5.45 -5.33 -13.10
N ARG A 491 4.61 -4.78 -12.22
CA ARG A 491 4.46 -3.33 -12.13
C ARG A 491 5.79 -2.64 -11.81
N TRP A 492 6.58 -3.19 -10.86
CA TRP A 492 7.66 -2.44 -10.23
C TRP A 492 9.00 -2.60 -10.95
N LEU A 493 8.98 -3.33 -12.08
CA LEU A 493 10.17 -3.39 -12.93
C LEU A 493 9.82 -3.40 -14.41
N VAL A 494 9.15 -4.45 -14.91
CA VAL A 494 8.91 -4.53 -16.35
C VAL A 494 8.07 -3.33 -16.83
N LEU A 495 6.99 -3.05 -16.12
CA LEU A 495 6.12 -1.94 -16.50
C LEU A 495 6.82 -0.57 -16.34
N CYS A 496 7.43 -0.26 -15.19
CA CYS A 496 7.87 1.12 -15.03
C CYS A 496 9.31 1.33 -15.53
N ASN A 497 10.09 0.26 -15.72
CA ASN A 497 11.51 0.38 -16.00
C ASN A 497 11.88 -0.61 -17.10
N PRO A 498 11.28 -0.46 -18.32
CA PRO A 498 11.44 -1.45 -19.39
C PRO A 498 12.89 -1.54 -19.88
N GLY A 499 13.58 -0.41 -19.85
CA GLY A 499 14.99 -0.40 -20.23
C GLY A 499 15.85 -1.26 -19.29
N LEU A 500 15.57 -1.19 -17.98
CA LEU A 500 16.37 -1.97 -17.08
C LEU A 500 15.97 -3.43 -17.27
N ALA A 501 14.66 -3.69 -17.39
CA ALA A 501 14.19 -5.06 -17.59
C ALA A 501 14.90 -5.70 -18.80
N GLU A 502 15.09 -4.91 -19.87
CA GLU A 502 15.64 -5.35 -21.15
C GLU A 502 17.14 -5.69 -21.04
N ILE A 503 17.98 -4.80 -20.48
CA ILE A 503 19.40 -5.12 -20.37
C ILE A 503 19.61 -6.27 -19.37
N ILE A 504 18.73 -6.44 -18.38
CA ILE A 504 18.83 -7.68 -17.61
C ILE A 504 18.46 -8.90 -18.45
N ALA A 505 17.36 -8.83 -19.21
CA ALA A 505 16.93 -10.00 -19.97
C ALA A 505 17.99 -10.43 -21.00
N GLU A 506 18.73 -9.44 -21.55
CA GLU A 506 19.77 -9.70 -22.54
C GLU A 506 20.83 -10.67 -22.03
N ARG A 507 21.14 -10.60 -20.74
CA ARG A 507 22.15 -11.42 -20.10
C ARG A 507 21.57 -12.75 -19.60
N ILE A 508 20.47 -12.69 -18.82
CA ILE A 508 19.98 -13.86 -18.11
C ILE A 508 18.62 -14.37 -18.61
N GLY A 509 18.10 -13.86 -19.74
CA GLY A 509 16.79 -14.29 -20.19
C GLY A 509 15.64 -13.64 -19.40
N GLU A 510 14.45 -14.22 -19.52
CA GLU A 510 13.19 -13.55 -19.18
C GLU A 510 12.54 -14.22 -17.97
N GLU A 511 13.14 -15.31 -17.50
CA GLU A 511 12.48 -16.17 -16.54
C GLU A 511 12.40 -15.47 -15.18
N TYR A 512 13.27 -14.49 -14.93
CA TYR A 512 13.39 -13.87 -13.62
C TYR A 512 12.10 -13.11 -13.29
N ILE A 513 11.30 -12.77 -14.30
CA ILE A 513 10.10 -11.97 -14.13
C ILE A 513 9.09 -12.69 -13.23
N SER A 514 9.07 -14.02 -13.22
CA SER A 514 8.17 -14.73 -12.31
C SER A 514 9.01 -15.59 -11.36
N ASP A 515 10.30 -15.28 -11.32
CA ASP A 515 11.19 -15.98 -10.42
C ASP A 515 12.36 -15.06 -10.09
N LEU A 516 12.10 -14.06 -9.25
CA LEU A 516 12.99 -12.93 -9.11
C LEU A 516 14.34 -13.33 -8.48
N ASP A 517 14.42 -14.48 -7.78
CA ASP A 517 15.68 -15.01 -7.22
C ASP A 517 16.76 -15.15 -8.29
N GLN A 518 16.37 -15.44 -9.53
CA GLN A 518 17.28 -15.49 -10.66
C GLN A 518 18.07 -14.19 -10.85
N LEU A 519 17.67 -13.07 -10.25
CA LEU A 519 18.49 -11.87 -10.39
C LEU A 519 19.89 -12.09 -9.79
N ARG A 520 20.00 -13.09 -8.90
CA ARG A 520 21.25 -13.45 -8.25
C ARG A 520 22.34 -13.74 -9.30
N LYS A 521 21.93 -14.27 -10.48
CA LYS A 521 22.81 -14.50 -11.61
C LYS A 521 23.56 -13.25 -12.02
N LEU A 522 23.08 -12.05 -11.65
CA LEU A 522 23.74 -10.82 -12.08
C LEU A 522 25.03 -10.56 -11.30
N LEU A 523 25.24 -11.25 -10.16
CA LEU A 523 26.46 -10.98 -9.42
C LEU A 523 27.66 -11.34 -10.32
N SER A 524 27.44 -12.23 -11.30
CA SER A 524 28.59 -12.59 -12.10
C SER A 524 28.89 -11.55 -13.19
N TYR A 525 28.17 -10.42 -13.19
CA TYR A 525 28.39 -9.34 -14.14
C TYR A 525 28.90 -8.06 -13.47
N VAL A 526 29.23 -8.14 -12.17
CA VAL A 526 29.61 -6.99 -11.37
C VAL A 526 30.92 -6.35 -11.86
N ASP A 527 31.75 -7.14 -12.55
CA ASP A 527 33.01 -6.67 -13.13
C ASP A 527 32.93 -6.60 -14.65
N ASP A 528 31.74 -6.54 -15.24
CA ASP A 528 31.65 -6.55 -16.68
C ASP A 528 31.44 -5.11 -17.16
N GLU A 529 32.41 -4.60 -17.90
CA GLU A 529 32.36 -3.19 -18.32
C GLU A 529 31.13 -2.87 -19.16
N ALA A 530 30.62 -3.80 -19.97
CA ALA A 530 29.52 -3.44 -20.84
C ALA A 530 28.28 -3.34 -19.97
N PHE A 531 28.12 -4.28 -19.02
CA PHE A 531 26.98 -4.26 -18.13
C PHE A 531 26.98 -3.04 -17.20
N ILE A 532 28.14 -2.65 -16.65
CA ILE A 532 28.24 -1.45 -15.83
C ILE A 532 27.77 -0.23 -16.62
N ARG A 533 28.31 -0.10 -17.82
CA ARG A 533 27.91 0.91 -18.79
C ARG A 533 26.39 0.86 -19.05
N ASP A 534 25.78 -0.32 -19.19
CA ASP A 534 24.37 -0.35 -19.56
C ASP A 534 23.48 -0.01 -18.37
N VAL A 535 23.84 -0.51 -17.17
CA VAL A 535 23.10 -0.16 -15.98
C VAL A 535 23.09 1.37 -15.82
N ALA A 536 24.27 2.00 -15.95
CA ALA A 536 24.41 3.43 -15.71
C ALA A 536 23.68 4.23 -16.78
N LYS A 537 23.69 3.74 -18.03
CA LYS A 537 22.97 4.40 -19.14
C LYS A 537 21.45 4.38 -18.91
N VAL A 538 20.90 3.23 -18.50
CA VAL A 538 19.48 3.17 -18.17
C VAL A 538 19.09 4.24 -17.15
N LYS A 539 19.88 4.33 -16.07
CA LYS A 539 19.61 5.27 -15.00
C LYS A 539 19.59 6.69 -15.58
N GLN A 540 20.59 6.98 -16.41
CA GLN A 540 20.72 8.25 -17.10
C GLN A 540 19.48 8.54 -17.95
N GLU A 541 19.06 7.56 -18.76
CA GLU A 541 17.88 7.78 -19.60
C GLU A 541 16.65 8.07 -18.73
N ASN A 542 16.48 7.32 -17.62
CA ASN A 542 15.36 7.48 -16.72
C ASN A 542 15.36 8.88 -16.10
N LYS A 543 16.56 9.42 -15.85
CA LYS A 543 16.65 10.71 -15.19
C LYS A 543 16.29 11.83 -16.17
N LEU A 544 16.75 11.72 -17.42
CA LEU A 544 16.44 12.69 -18.48
C LEU A 544 14.94 12.71 -18.70
N LYS A 545 14.33 11.52 -18.75
CA LYS A 545 12.89 11.39 -18.96
C LYS A 545 12.11 12.01 -17.80
N PHE A 546 12.62 11.93 -16.56
CA PHE A 546 11.87 12.49 -15.44
C PHE A 546 12.09 14.00 -15.35
N ALA A 547 13.32 14.44 -15.63
CA ALA A 547 13.70 15.85 -15.67
C ALA A 547 12.82 16.63 -16.64
N ALA A 548 12.51 15.98 -17.78
CA ALA A 548 11.70 16.51 -18.86
C ALA A 548 10.26 16.59 -18.40
N TYR A 549 9.79 15.51 -17.76
CA TYR A 549 8.42 15.43 -17.30
C TYR A 549 8.20 16.53 -16.26
N LEU A 550 9.21 16.81 -15.42
CA LEU A 550 9.05 17.87 -14.43
C LEU A 550 8.80 19.21 -15.13
N GLU A 551 9.55 19.51 -16.20
CA GLU A 551 9.43 20.76 -16.95
C GLU A 551 8.05 20.92 -17.59
N ARG A 552 7.63 19.96 -18.43
CA ARG A 552 6.32 19.96 -19.09
C ARG A 552 5.17 20.21 -18.11
N GLU A 553 4.93 19.26 -17.19
CA GLU A 553 3.70 19.21 -16.42
C GLU A 553 3.76 20.08 -15.16
N TYR A 554 4.93 20.62 -14.81
CA TYR A 554 5.04 21.39 -13.58
C TYR A 554 6.11 22.49 -13.63
N LYS A 555 6.53 22.91 -14.83
CA LYS A 555 7.26 24.15 -15.09
C LYS A 555 8.46 24.39 -14.16
N VAL A 556 9.32 23.38 -13.95
CA VAL A 556 10.42 23.54 -13.00
C VAL A 556 11.67 22.82 -13.54
N HIS A 557 12.86 23.47 -13.40
CA HIS A 557 14.08 23.23 -14.18
C HIS A 557 15.21 22.61 -13.34
N ILE A 558 15.52 21.30 -13.55
CA ILE A 558 16.50 20.59 -12.73
C ILE A 558 17.73 20.17 -13.52
N ASN A 559 18.86 20.05 -12.82
CA ASN A 559 20.12 19.57 -13.36
C ASN A 559 20.13 18.03 -13.38
N PRO A 560 20.10 17.37 -14.55
CA PRO A 560 19.93 15.91 -14.56
C PRO A 560 21.25 15.19 -14.31
N ASN A 561 22.32 15.94 -14.04
CA ASN A 561 23.63 15.37 -13.69
C ASN A 561 23.85 15.33 -12.19
N SER A 562 22.89 15.86 -11.44
CA SER A 562 22.89 15.83 -9.98
C SER A 562 22.41 14.46 -9.49
N LEU A 563 22.76 14.15 -8.24
CA LEU A 563 22.26 13.01 -7.50
C LEU A 563 20.77 13.23 -7.19
N PHE A 564 19.94 12.26 -7.60
CA PHE A 564 18.51 12.35 -7.34
C PHE A 564 18.23 11.68 -5.99
N ASP A 565 17.97 12.54 -5.00
CA ASP A 565 17.78 12.20 -3.60
C ASP A 565 16.28 12.25 -3.33
N VAL A 566 15.65 11.06 -3.23
CA VAL A 566 14.20 10.94 -3.22
C VAL A 566 13.71 10.34 -1.91
N GLN A 567 12.73 11.04 -1.31
CA GLN A 567 11.90 10.54 -0.23
C GLN A 567 10.42 10.68 -0.63
N VAL A 568 9.78 9.56 -0.98
CA VAL A 568 8.38 9.59 -1.34
C VAL A 568 7.60 8.55 -0.55
N LYS A 569 6.49 8.99 0.07
CA LYS A 569 5.73 8.20 1.03
C LYS A 569 4.80 9.14 1.78
N ARG A 570 3.83 8.62 2.56
CA ARG A 570 2.88 9.49 3.24
C ARG A 570 3.68 10.36 4.24
N ILE A 571 3.24 11.60 4.45
CA ILE A 571 3.90 12.49 5.37
C ILE A 571 3.48 12.12 6.79
N HIS A 572 4.45 11.69 7.60
CA HIS A 572 4.24 11.32 9.00
C HIS A 572 5.40 11.83 9.84
N GLU A 573 5.15 12.03 11.14
CA GLU A 573 6.26 12.29 12.04
C GLU A 573 7.19 11.08 12.13
N TYR A 574 6.64 9.86 12.12
CA TYR A 574 7.49 8.68 12.34
C TYR A 574 8.43 8.45 11.15
N LYS A 575 8.01 8.92 9.97
CA LYS A 575 8.78 8.75 8.73
C LYS A 575 9.91 9.78 8.60
N ARG A 576 9.85 10.87 9.40
CA ARG A 576 11.01 11.75 9.65
C ARG A 576 11.47 12.46 8.37
N GLN A 577 10.49 12.87 7.56
CA GLN A 577 10.72 13.88 6.54
C GLN A 577 11.48 15.05 7.18
N LEU A 578 11.18 15.34 8.46
CA LEU A 578 11.88 16.40 9.16
C LEU A 578 13.39 16.14 9.26
N LEU A 579 13.81 14.88 9.49
CA LEU A 579 15.25 14.64 9.54
C LEU A 579 15.87 15.01 8.18
N ASN A 580 15.16 14.67 7.11
CA ASN A 580 15.62 15.00 5.76
C ASN A 580 15.72 16.52 5.62
N CYS A 581 14.72 17.28 6.09
CA CYS A 581 14.77 18.74 6.00
C CYS A 581 16.03 19.27 6.69
N LEU A 582 16.37 18.73 7.86
CA LEU A 582 17.50 19.22 8.62
C LEU A 582 18.74 19.02 7.77
N HIS A 583 18.81 17.89 7.05
CA HIS A 583 20.00 17.65 6.25
C HIS A 583 20.09 18.67 5.11
N VAL A 584 18.97 18.86 4.37
CA VAL A 584 18.89 19.87 3.31
C VAL A 584 19.39 21.23 3.81
N ILE A 585 18.91 21.70 4.97
CA ILE A 585 19.34 22.98 5.48
C ILE A 585 20.83 22.98 5.83
N THR A 586 21.33 21.84 6.29
CA THR A 586 22.74 21.70 6.60
C THR A 586 23.57 21.89 5.32
N LEU A 587 23.18 21.24 4.21
CA LEU A 587 23.97 21.38 2.99
C LEU A 587 23.97 22.84 2.57
N TYR A 588 22.79 23.47 2.62
CA TYR A 588 22.62 24.87 2.27
C TYR A 588 23.56 25.78 3.07
N ASN A 589 23.58 25.59 4.40
CA ASN A 589 24.43 26.40 5.27
C ASN A 589 25.93 26.12 5.03
N ARG A 590 26.30 24.89 4.65
CA ARG A 590 27.68 24.62 4.31
C ARG A 590 28.07 25.34 3.01
N ILE A 591 27.18 25.37 2.03
CA ILE A 591 27.51 26.04 0.78
C ILE A 591 27.65 27.54 1.05
N LYS A 592 26.76 28.12 1.86
CA LYS A 592 26.77 29.56 2.07
C LYS A 592 28.07 29.98 2.78
N LYS A 593 28.57 29.13 3.68
CA LYS A 593 29.78 29.34 4.45
C LYS A 593 31.02 29.22 3.55
N GLU A 594 31.08 28.23 2.64
CA GLU A 594 32.21 28.04 1.75
C GLU A 594 31.74 27.92 0.30
N PRO A 595 31.35 29.06 -0.33
CA PRO A 595 30.59 29.00 -1.58
C PRO A 595 31.47 28.39 -2.65
N ASN A 596 32.79 28.58 -2.53
CA ASN A 596 33.66 28.22 -3.64
C ASN A 596 34.23 26.82 -3.48
N LYS A 597 33.68 25.99 -2.57
CA LYS A 597 34.13 24.62 -2.44
C LYS A 597 33.32 23.69 -3.35
N PHE A 598 33.95 22.62 -3.84
CA PHE A 598 33.20 21.66 -4.62
C PHE A 598 32.29 20.84 -3.70
N VAL A 599 31.05 20.61 -4.15
CA VAL A 599 30.12 19.68 -3.51
C VAL A 599 29.44 18.92 -4.64
N VAL A 600 29.15 17.64 -4.37
CA VAL A 600 28.39 16.83 -5.30
C VAL A 600 26.98 17.43 -5.40
N PRO A 601 26.54 17.84 -6.62
CA PRO A 601 25.22 18.45 -6.78
C PRO A 601 24.11 17.44 -6.51
N ARG A 602 23.01 17.90 -5.90
CA ARG A 602 21.90 17.04 -5.60
C ARG A 602 20.61 17.74 -5.97
N THR A 603 19.61 16.94 -6.37
CA THR A 603 18.22 17.37 -6.43
C THR A 603 17.50 16.56 -5.35
N VAL A 604 17.05 17.26 -4.31
CA VAL A 604 16.31 16.64 -3.22
C VAL A 604 14.84 16.74 -3.55
N MET A 605 14.23 15.57 -3.74
CA MET A 605 12.80 15.47 -4.01
C MET A 605 12.09 14.74 -2.87
N ILE A 606 11.10 15.44 -2.31
CA ILE A 606 10.26 14.90 -1.27
C ILE A 606 8.81 15.02 -1.72
N GLY A 607 8.06 13.93 -1.57
CA GLY A 607 6.65 13.99 -1.93
C GLY A 607 5.81 13.07 -1.05
N GLY A 608 4.50 13.32 -0.98
CA GLY A 608 3.57 12.49 -0.23
C GLY A 608 2.39 13.31 0.30
N LYS A 609 1.31 12.59 0.61
CA LYS A 609 0.12 13.30 1.07
C LYS A 609 0.10 13.32 2.58
N ALA A 610 -0.48 14.39 3.15
CA ALA A 610 -0.81 14.43 4.58
C ALA A 610 -2.29 14.10 4.80
N ALA A 611 -2.64 13.42 5.88
CA ALA A 611 -4.05 13.25 6.21
C ALA A 611 -4.62 14.64 6.43
N PRO A 612 -5.85 14.94 5.93
CA PRO A 612 -6.46 16.27 6.07
C PRO A 612 -6.48 16.95 7.44
N GLY A 613 -6.74 16.22 8.56
CA GLY A 613 -6.75 16.92 9.85
C GLY A 613 -5.45 16.79 10.68
N TYR A 614 -4.38 16.26 10.05
CA TYR A 614 -3.06 16.08 10.64
C TYR A 614 -2.28 17.38 10.48
N HIS A 615 -2.47 18.29 11.44
CA HIS A 615 -1.89 19.62 11.38
C HIS A 615 -0.37 19.59 11.20
N MET A 616 0.33 18.77 12.00
CA MET A 616 1.78 18.69 11.96
C MET A 616 2.29 18.26 10.58
N ALA A 617 1.70 17.21 10.01
CA ALA A 617 2.05 16.74 8.68
C ALA A 617 1.88 17.86 7.67
N LYS A 618 0.86 18.69 7.88
CA LYS A 618 0.61 19.82 6.98
C LYS A 618 1.67 20.89 7.16
N MET A 619 2.18 21.10 8.39
CA MET A 619 3.25 22.06 8.59
C MET A 619 4.55 21.57 7.94
N ILE A 620 4.74 20.25 7.89
CA ILE A 620 5.98 19.73 7.33
C ILE A 620 6.00 19.99 5.82
N ILE A 621 4.88 19.70 5.13
CA ILE A 621 4.79 20.04 3.72
C ILE A 621 5.17 21.51 3.55
N LYS A 622 4.61 22.38 4.39
CA LYS A 622 4.83 23.81 4.23
C LYS A 622 6.31 24.15 4.47
N LEU A 623 6.97 23.51 5.42
CA LEU A 623 8.39 23.76 5.67
C LEU A 623 9.21 23.38 4.43
N ILE A 624 8.90 22.21 3.85
CA ILE A 624 9.65 21.77 2.69
C ILE A 624 9.56 22.82 1.58
N THR A 625 8.36 23.36 1.32
CA THR A 625 8.22 24.30 0.22
C THR A 625 8.99 25.59 0.57
N ALA A 626 8.97 25.97 1.86
CA ALA A 626 9.66 27.16 2.32
C ALA A 626 11.17 27.02 2.13
N ILE A 627 11.76 25.83 2.41
CA ILE A 627 13.18 25.64 2.20
C ILE A 627 13.48 25.76 0.69
N GLY A 628 12.63 25.13 -0.15
CA GLY A 628 12.73 25.24 -1.61
C GLY A 628 12.64 26.69 -2.13
N ASP A 629 11.80 27.52 -1.49
CA ASP A 629 11.71 28.94 -1.78
C ASP A 629 13.04 29.65 -1.52
N VAL A 630 13.75 29.28 -0.45
CA VAL A 630 15.00 29.95 -0.17
C VAL A 630 16.13 29.32 -0.99
N VAL A 631 16.22 27.99 -1.01
CA VAL A 631 17.35 27.34 -1.65
C VAL A 631 17.27 27.52 -3.17
N ASN A 632 16.09 27.38 -3.77
CA ASN A 632 16.07 27.39 -5.23
C ASN A 632 16.33 28.78 -5.80
N HIS A 633 16.34 29.85 -4.98
CA HIS A 633 16.44 31.18 -5.57
C HIS A 633 17.72 31.90 -5.15
N ASP A 634 18.63 31.17 -4.50
CA ASP A 634 19.89 31.73 -4.03
C ASP A 634 20.94 31.59 -5.12
N PRO A 635 21.44 32.72 -5.69
CA PRO A 635 22.32 32.66 -6.88
C PRO A 635 23.66 32.02 -6.51
N VAL A 636 24.03 32.06 -5.23
CA VAL A 636 25.30 31.48 -4.83
C VAL A 636 25.26 29.95 -4.88
N VAL A 637 24.08 29.35 -4.64
CA VAL A 637 23.91 27.91 -4.65
C VAL A 637 23.99 27.40 -6.08
N GLY A 638 23.46 28.20 -7.01
CA GLY A 638 23.47 27.85 -8.42
C GLY A 638 22.61 26.60 -8.64
N ASP A 639 23.10 25.65 -9.44
CA ASP A 639 22.36 24.42 -9.64
C ASP A 639 23.02 23.30 -8.84
N ARG A 640 23.62 23.67 -7.69
CA ARG A 640 24.28 22.67 -6.87
C ARG A 640 23.29 21.97 -5.93
N LEU A 641 22.17 22.63 -5.60
CA LEU A 641 21.20 22.06 -4.69
C LEU A 641 19.82 22.58 -5.07
N ARG A 642 18.88 21.66 -5.24
CA ARG A 642 17.50 22.02 -5.54
C ARG A 642 16.60 21.22 -4.61
N VAL A 643 15.54 21.87 -4.11
CA VAL A 643 14.59 21.16 -3.26
C VAL A 643 13.22 21.19 -3.90
N ILE A 644 12.73 20.03 -4.33
CA ILE A 644 11.46 19.94 -5.03
C ILE A 644 10.47 19.17 -4.16
N PHE A 645 9.27 19.72 -3.99
CA PHE A 645 8.15 19.00 -3.44
C PHE A 645 7.32 18.37 -4.56
N LEU A 646 7.28 17.03 -4.64
CA LEU A 646 6.54 16.37 -5.70
C LEU A 646 5.05 16.30 -5.33
N GLU A 647 4.26 17.04 -6.10
CA GLU A 647 2.84 17.19 -5.79
C GLU A 647 2.09 15.91 -6.21
N ASN A 648 1.08 15.55 -5.40
CA ASN A 648 0.09 14.53 -5.73
C ASN A 648 0.74 13.14 -5.88
N TYR A 649 1.64 12.81 -4.94
CA TYR A 649 2.30 11.53 -5.04
C TYR A 649 1.25 10.43 -4.99
N ARG A 650 1.37 9.44 -5.89
CA ARG A 650 0.37 8.38 -6.09
C ARG A 650 1.05 7.30 -6.92
N VAL A 651 0.35 6.19 -7.19
CA VAL A 651 1.02 5.04 -7.80
C VAL A 651 1.65 5.39 -9.16
N SER A 652 0.91 6.14 -9.98
CA SER A 652 1.41 6.45 -11.31
C SER A 652 2.57 7.46 -11.25
N LEU A 653 2.65 8.34 -10.22
CA LEU A 653 3.85 9.15 -10.02
C LEU A 653 5.03 8.28 -9.52
N ALA A 654 4.74 7.28 -8.69
CA ALA A 654 5.79 6.37 -8.23
C ALA A 654 6.43 5.62 -9.42
N GLU A 655 5.62 5.22 -10.39
CA GLU A 655 6.12 4.53 -11.58
C GLU A 655 7.12 5.38 -12.37
N LYS A 656 7.06 6.71 -12.20
CA LYS A 656 7.93 7.62 -12.93
C LYS A 656 9.15 8.02 -12.11
N VAL A 657 8.98 8.30 -10.81
CA VAL A 657 10.08 8.88 -10.05
C VAL A 657 11.04 7.79 -9.54
N ILE A 658 10.52 6.60 -9.20
CA ILE A 658 11.34 5.53 -8.67
C ILE A 658 12.41 5.06 -9.68
N PRO A 659 12.11 4.76 -10.96
CA PRO A 659 13.18 4.44 -11.92
C PRO A 659 14.27 5.51 -12.10
N ALA A 660 13.95 6.75 -11.72
CA ALA A 660 14.83 7.87 -11.91
C ALA A 660 15.68 8.18 -10.69
N ALA A 661 15.50 7.46 -9.57
CA ALA A 661 16.18 7.84 -8.34
C ALA A 661 17.59 7.25 -8.22
N ASP A 662 18.47 8.02 -7.59
CA ASP A 662 19.78 7.51 -7.21
C ASP A 662 19.80 7.02 -5.75
N LEU A 663 19.26 7.85 -4.85
CA LEU A 663 19.25 7.58 -3.42
C LEU A 663 17.82 7.52 -2.89
N SER A 664 17.51 6.45 -2.14
CA SER A 664 16.24 6.15 -1.52
C SER A 664 16.35 6.45 -0.03
N GLU A 665 15.52 7.38 0.47
CA GLU A 665 15.53 7.77 1.87
C GLU A 665 14.52 6.92 2.64
N GLN A 666 15.03 6.09 3.55
CA GLN A 666 14.20 5.22 4.35
C GLN A 666 14.60 5.35 5.82
N ILE A 667 14.17 6.44 6.46
CA ILE A 667 14.88 6.97 7.64
C ILE A 667 13.92 7.13 8.83
N SER A 668 12.92 6.24 8.93
CA SER A 668 12.05 6.12 10.09
C SER A 668 12.88 5.75 11.32
N THR A 669 12.48 6.25 12.49
CA THR A 669 13.10 5.87 13.74
C THR A 669 12.98 4.37 13.90
N ALA A 670 14.08 3.70 14.24
CA ALA A 670 14.04 2.26 14.41
C ALA A 670 12.85 1.85 15.30
N GLY A 671 12.11 0.83 14.83
CA GLY A 671 11.03 0.26 15.61
C GLY A 671 9.61 0.77 15.20
N THR A 672 9.53 1.68 14.22
CA THR A 672 8.25 2.32 13.91
C THR A 672 7.72 1.92 12.55
N GLU A 673 8.56 1.69 11.50
CA GLU A 673 8.08 1.28 10.18
C GLU A 673 7.99 -0.25 10.19
N ALA A 674 6.79 -0.85 10.25
CA ALA A 674 6.64 -2.29 10.35
C ALA A 674 7.45 -3.01 9.26
N SER A 675 7.36 -2.52 8.02
CA SER A 675 8.13 -3.12 6.96
C SER A 675 8.64 -2.04 6.00
N GLY A 676 7.70 -1.29 5.42
CA GLY A 676 7.91 -0.48 4.23
C GLY A 676 7.79 -1.36 3.00
N THR A 677 7.43 -0.76 1.86
CA THR A 677 7.57 -1.45 0.59
C THR A 677 8.22 -0.52 -0.44
N GLY A 678 8.11 0.79 -0.22
CA GLY A 678 8.80 1.73 -1.08
C GLY A 678 10.28 1.34 -1.19
N ASN A 679 10.88 0.96 -0.02
CA ASN A 679 12.30 0.65 0.06
C ASN A 679 12.66 -0.40 -1.01
N MET A 680 11.80 -1.42 -1.10
CA MET A 680 11.94 -2.50 -2.08
C MET A 680 11.79 -2.04 -3.56
N LYS A 681 10.85 -1.13 -3.85
CA LYS A 681 10.71 -0.63 -5.21
C LYS A 681 12.01 0.00 -5.68
N PHE A 682 12.64 0.79 -4.78
CA PHE A 682 13.85 1.52 -5.19
C PHE A 682 15.02 0.55 -5.31
N MET A 683 15.11 -0.45 -4.44
CA MET A 683 16.22 -1.39 -4.54
C MET A 683 16.21 -2.05 -5.91
N LEU A 684 15.00 -2.33 -6.39
CA LEU A 684 14.81 -3.13 -7.59
C LEU A 684 15.20 -2.30 -8.82
N ASN A 685 15.18 -0.96 -8.67
CA ASN A 685 15.20 -0.05 -9.80
C ASN A 685 16.52 0.72 -9.85
N GLY A 686 17.50 0.31 -9.05
CA GLY A 686 18.88 0.79 -9.22
C GLY A 686 19.19 2.09 -8.44
N ALA A 687 18.53 2.25 -7.28
CA ALA A 687 18.88 3.33 -6.37
C ALA A 687 19.62 2.68 -5.21
N LEU A 688 20.56 3.39 -4.59
CA LEU A 688 21.15 2.92 -3.33
C LEU A 688 20.27 3.45 -2.20
N THR A 689 20.35 2.82 -1.02
CA THR A 689 19.48 3.19 0.09
C THR A 689 20.27 3.80 1.24
N ILE A 690 19.81 4.95 1.77
CA ILE A 690 20.28 5.38 3.09
C ILE A 690 19.11 5.16 4.06
N GLY A 691 19.29 4.36 5.11
CA GLY A 691 18.21 4.11 6.05
C GLY A 691 18.70 3.61 7.40
N THR A 692 17.79 3.64 8.38
CA THR A 692 17.92 3.04 9.70
C THR A 692 17.66 1.55 9.61
N MET A 693 18.03 0.81 10.67
CA MET A 693 17.76 -0.60 10.77
C MET A 693 16.32 -0.76 11.24
N ASP A 694 15.37 -0.47 10.33
CA ASP A 694 13.97 -0.51 10.62
C ASP A 694 13.28 -1.39 9.59
N GLY A 695 12.22 -2.11 9.99
CA GLY A 695 11.38 -2.67 8.93
C GLY A 695 12.14 -3.65 8.06
N ALA A 696 11.83 -3.67 6.76
CA ALA A 696 12.49 -4.60 5.87
C ALA A 696 13.86 -4.08 5.48
N ASN A 697 14.21 -2.85 5.92
CA ASN A 697 15.58 -2.36 5.63
C ASN A 697 16.60 -3.37 6.17
N VAL A 698 16.24 -4.01 7.30
CA VAL A 698 17.17 -4.90 7.96
C VAL A 698 17.43 -6.11 7.07
N GLU A 699 16.35 -6.66 6.46
CA GLU A 699 16.49 -7.82 5.61
C GLU A 699 17.14 -7.42 4.29
N MET A 700 16.89 -6.19 3.84
CA MET A 700 17.46 -5.83 2.55
C MET A 700 19.00 -5.72 2.69
N ALA A 701 19.48 -5.11 3.78
CA ALA A 701 20.91 -4.97 4.09
C ALA A 701 21.53 -6.34 4.28
N GLU A 702 20.77 -7.24 4.89
CA GLU A 702 21.30 -8.56 5.05
C GLU A 702 21.41 -9.25 3.70
N GLU A 703 20.47 -9.02 2.77
CA GLU A 703 20.55 -9.65 1.46
C GLU A 703 21.70 -9.04 0.63
N ALA A 704 21.90 -7.72 0.64
CA ALA A 704 22.90 -7.12 -0.24
C ALA A 704 24.32 -7.16 0.36
N GLY A 705 24.41 -7.32 1.69
CA GLY A 705 25.62 -7.02 2.42
C GLY A 705 25.58 -5.58 2.94
N GLU A 706 25.94 -5.42 4.21
CA GLU A 706 25.87 -4.13 4.90
C GLU A 706 26.79 -3.12 4.25
N GLU A 707 27.89 -3.62 3.66
CA GLU A 707 28.84 -2.76 2.98
C GLU A 707 28.21 -2.20 1.70
N ASN A 708 27.07 -2.76 1.25
CA ASN A 708 26.44 -2.26 0.04
C ASN A 708 25.24 -1.37 0.35
N PHE A 709 25.14 -0.95 1.62
CA PHE A 709 23.99 -0.21 2.10
C PHE A 709 24.46 0.98 2.96
N PHE A 710 23.73 2.09 2.97
CA PHE A 710 24.14 3.21 3.82
C PHE A 710 23.31 3.21 5.11
N ILE A 711 23.71 2.40 6.07
CA ILE A 711 23.05 2.23 7.36
C ILE A 711 23.51 3.31 8.33
N PHE A 712 22.59 3.92 9.05
CA PHE A 712 23.02 4.78 10.15
C PHE A 712 21.97 4.75 11.27
N GLY A 713 22.30 5.40 12.39
CA GLY A 713 21.29 5.78 13.37
C GLY A 713 21.19 4.75 14.48
N MET A 714 20.35 5.07 15.47
CA MET A 714 20.03 4.15 16.55
C MET A 714 19.39 2.89 15.98
N ARG A 715 19.77 1.74 16.55
CA ARG A 715 19.00 0.50 16.45
C ARG A 715 17.84 0.56 17.45
N VAL A 716 16.93 -0.42 17.36
CA VAL A 716 15.85 -0.60 18.32
C VAL A 716 16.35 -0.55 19.76
N GLU A 717 17.42 -1.31 20.08
CA GLU A 717 17.96 -1.42 21.43
C GLU A 717 18.38 -0.01 21.92
N ASP A 718 18.91 0.81 20.99
CA ASP A 718 19.39 2.15 21.30
C ASP A 718 18.20 3.03 21.67
N VAL A 719 17.13 2.97 20.87
CA VAL A 719 15.93 3.71 21.17
C VAL A 719 15.42 3.37 22.57
N ASP A 720 15.36 2.06 22.89
CA ASP A 720 14.92 1.60 24.20
C ASP A 720 15.82 2.15 25.29
N ARG A 721 17.16 2.12 25.10
CA ARG A 721 18.07 2.65 26.12
C ARG A 721 17.76 4.13 26.34
N LEU A 722 17.54 4.88 25.26
CA LEU A 722 17.33 6.32 25.36
C LEU A 722 16.00 6.63 26.08
N ASP A 723 14.96 5.81 25.83
CA ASP A 723 13.65 5.99 26.44
C ASP A 723 13.68 5.72 27.95
N GLN A 724 14.55 4.77 28.36
CA GLN A 724 14.67 4.35 29.74
C GLN A 724 15.24 5.45 30.60
N ARG A 725 16.14 6.28 30.06
CA ARG A 725 16.68 7.34 30.89
C ARG A 725 16.06 8.71 30.58
N GLY A 726 15.24 8.79 29.51
CA GLY A 726 14.62 10.04 29.13
C GLY A 726 15.31 10.70 27.93
N TYR A 727 14.53 11.01 26.88
CA TYR A 727 15.10 11.70 25.74
C TYR A 727 15.05 13.20 26.00
N ASN A 728 16.21 13.85 25.97
CA ASN A 728 16.28 15.27 26.17
C ASN A 728 16.92 15.88 24.92
N ALA A 729 16.08 16.50 24.07
CA ALA A 729 16.52 17.11 22.84
C ALA A 729 17.52 18.27 23.03
N GLN A 730 17.44 18.97 24.16
CA GLN A 730 18.28 20.12 24.44
C GLN A 730 19.77 19.75 24.44
N GLU A 731 20.09 18.53 24.86
CA GLU A 731 21.46 18.06 24.92
C GLU A 731 22.12 18.10 23.53
N TYR A 732 21.37 17.64 22.51
CA TYR A 732 21.81 17.68 21.12
C TYR A 732 21.96 19.12 20.63
N TYR A 733 20.96 19.95 20.91
CA TYR A 733 21.03 21.37 20.57
C TYR A 733 22.26 22.03 21.22
N ASP A 734 22.59 21.63 22.46
CA ASP A 734 23.66 22.30 23.19
C ASP A 734 25.01 21.89 22.62
N ARG A 735 25.11 20.69 22.04
CA ARG A 735 26.40 20.13 21.70
C ARG A 735 26.66 20.20 20.21
N ILE A 736 25.65 20.50 19.37
CA ILE A 736 25.92 20.42 17.93
C ILE A 736 25.69 21.79 17.32
N PRO A 737 26.74 22.59 17.03
CA PRO A 737 26.53 23.97 16.54
C PRO A 737 25.80 24.03 15.18
N GLU A 738 26.03 23.04 14.32
CA GLU A 738 25.30 23.01 13.06
C GLU A 738 23.79 22.92 13.31
N LEU A 739 23.40 22.16 14.36
CA LEU A 739 22.01 21.89 14.66
C LEU A 739 21.35 23.13 15.25
N ARG A 740 22.10 23.83 16.10
CA ARG A 740 21.63 25.03 16.79
C ARG A 740 21.33 26.13 15.78
N GLN A 741 22.28 26.38 14.86
CA GLN A 741 22.06 27.33 13.77
C GLN A 741 20.77 27.00 13.00
N ILE A 742 20.53 25.72 12.68
CA ILE A 742 19.30 25.37 11.98
C ILE A 742 18.06 25.78 12.79
N ILE A 743 18.03 25.46 14.10
CA ILE A 743 16.91 25.77 14.97
C ILE A 743 16.74 27.30 15.06
N GLU A 744 17.84 28.04 15.18
CA GLU A 744 17.77 29.49 15.23
C GLU A 744 17.16 30.04 13.95
N GLN A 745 17.56 29.49 12.80
CA GLN A 745 17.07 29.98 11.52
C GLN A 745 15.57 29.77 11.46
N LEU A 746 15.11 28.59 11.92
CA LEU A 746 13.69 28.24 11.89
C LEU A 746 12.89 29.16 12.79
N SER A 747 13.32 29.29 14.05
CA SER A 747 12.76 30.17 15.07
C SER A 747 12.68 31.63 14.62
N SER A 748 13.72 32.10 13.94
CA SER A 748 13.86 33.54 13.85
C SER A 748 13.23 34.06 12.56
N GLY A 749 12.68 33.19 11.68
CA GLY A 749 11.97 33.67 10.52
C GLY A 749 12.76 33.64 9.21
N PHE A 750 13.95 33.02 9.20
CA PHE A 750 14.76 32.89 8.01
C PHE A 750 13.98 32.24 6.85
N PHE A 751 13.19 31.19 7.15
CA PHE A 751 12.46 30.47 6.12
C PHE A 751 11.04 31.01 5.91
N SER A 752 10.65 32.08 6.61
CA SER A 752 9.29 32.62 6.56
C SER A 752 9.33 34.11 6.93
N PRO A 753 9.87 34.99 6.05
CA PRO A 753 10.16 36.37 6.42
C PRO A 753 8.89 37.13 6.75
N LYS A 754 7.78 36.75 6.10
CA LYS A 754 6.53 37.46 6.30
C LYS A 754 5.81 37.00 7.57
N GLN A 755 5.93 35.72 7.96
CA GLN A 755 5.43 35.34 9.28
C GLN A 755 6.58 34.75 10.09
N PRO A 756 7.35 35.57 10.84
CA PRO A 756 8.52 35.05 11.56
C PRO A 756 8.30 33.81 12.42
N ASP A 757 7.10 33.65 12.97
CA ASP A 757 6.89 32.62 14.00
C ASP A 757 6.13 31.43 13.39
N LEU A 758 6.02 31.41 12.06
CA LEU A 758 5.26 30.40 11.34
C LEU A 758 5.63 28.97 11.74
N PHE A 759 6.89 28.70 12.12
CA PHE A 759 7.36 27.33 12.30
C PHE A 759 7.55 27.02 13.79
N LYS A 760 6.90 27.78 14.66
CA LYS A 760 7.19 27.61 16.08
C LYS A 760 6.59 26.30 16.57
N ASP A 761 5.55 25.78 15.90
CA ASP A 761 5.07 24.49 16.40
C ASP A 761 6.09 23.39 16.12
N ILE A 762 6.68 23.40 14.93
CA ILE A 762 7.75 22.47 14.53
C ILE A 762 8.92 22.53 15.53
N VAL A 763 9.48 23.73 15.75
CA VAL A 763 10.59 23.89 16.68
C VAL A 763 10.20 23.36 18.05
N ASN A 764 9.01 23.78 18.50
CA ASN A 764 8.56 23.46 19.84
C ASN A 764 8.49 21.94 20.01
N MET A 765 7.94 21.26 18.99
CA MET A 765 7.84 19.81 19.01
C MET A 765 9.25 19.20 19.03
N LEU A 766 10.17 19.70 18.20
CA LEU A 766 11.51 19.13 18.14
C LEU A 766 12.25 19.22 19.47
N MET A 767 12.14 20.38 20.17
CA MET A 767 12.85 20.65 21.42
C MET A 767 12.21 19.92 22.61
N HIS A 768 10.88 19.75 22.61
CA HIS A 768 10.19 19.36 23.85
C HIS A 768 9.36 18.08 23.73
N HIS A 769 8.82 17.75 22.54
CA HIS A 769 7.79 16.71 22.52
C HIS A 769 8.02 15.76 21.34
N ASP A 770 9.27 15.37 21.08
CA ASP A 770 9.58 14.58 19.89
C ASP A 770 9.58 13.10 20.27
N ARG A 771 8.49 12.40 19.92
CA ARG A 771 8.45 10.96 20.13
C ARG A 771 9.41 10.23 19.19
N PHE A 772 9.88 10.87 18.11
CA PHE A 772 10.60 10.14 17.08
C PHE A 772 12.09 10.49 17.04
N LYS A 773 12.54 11.32 17.99
CA LYS A 773 13.98 11.45 18.25
C LYS A 773 14.75 11.90 17.00
N VAL A 774 14.26 12.94 16.33
CA VAL A 774 14.95 13.49 15.17
C VAL A 774 16.38 13.93 15.51
N PHE A 775 16.60 14.65 16.59
CA PHE A 775 17.95 15.11 16.87
C PHE A 775 18.90 13.95 17.19
N ALA A 776 18.40 12.86 17.78
CA ALA A 776 19.32 11.79 18.21
C ALA A 776 20.02 11.15 17.00
N ASP A 777 19.41 11.26 15.80
CA ASP A 777 19.98 10.56 14.68
C ASP A 777 20.67 11.52 13.72
N TYR A 778 20.68 12.81 14.05
CA TYR A 778 21.08 13.85 13.10
C TYR A 778 22.56 13.74 12.71
N GLU A 779 23.44 13.70 13.69
CA GLU A 779 24.87 13.63 13.43
C GLU A 779 25.27 12.44 12.55
N GLU A 780 24.86 11.23 12.94
CA GLU A 780 25.13 10.02 12.14
C GLU A 780 24.52 10.16 10.75
N TYR A 781 23.39 10.85 10.63
CA TYR A 781 22.72 10.96 9.34
C TYR A 781 23.56 11.84 8.41
N VAL A 782 23.98 12.99 8.92
CA VAL A 782 24.75 13.91 8.11
C VAL A 782 26.06 13.25 7.66
N LYS A 783 26.74 12.59 8.60
CA LYS A 783 27.98 11.89 8.31
C LYS A 783 27.77 10.85 7.22
N CYS A 784 26.77 9.98 7.40
CA CYS A 784 26.47 8.95 6.42
C CYS A 784 26.14 9.57 5.04
N GLN A 785 25.44 10.73 5.01
CA GLN A 785 25.14 11.46 3.77
C GLN A 785 26.44 11.89 3.07
N GLU A 786 27.50 12.23 3.83
CA GLU A 786 28.82 12.52 3.26
C GLU A 786 29.39 11.28 2.58
N ARG A 787 29.22 10.08 3.14
CA ARG A 787 29.73 8.90 2.47
C ARG A 787 29.03 8.68 1.11
N VAL A 788 27.74 9.04 1.04
CA VAL A 788 26.94 8.84 -0.16
C VAL A 788 27.55 9.74 -1.25
N SER A 789 27.84 10.99 -0.85
CA SER A 789 28.40 11.99 -1.74
C SER A 789 29.77 11.53 -2.26
N ALA A 790 30.59 10.99 -1.36
CA ALA A 790 31.93 10.49 -1.71
C ALA A 790 31.78 9.37 -2.72
N LEU A 791 30.79 8.49 -2.55
CA LEU A 791 30.72 7.38 -3.51
C LEU A 791 30.19 7.87 -4.84
N TYR A 792 29.33 8.91 -4.84
CA TYR A 792 28.71 9.35 -6.08
C TYR A 792 29.74 9.99 -7.04
N LYS A 793 30.81 10.58 -6.48
CA LYS A 793 31.93 11.13 -7.26
C LYS A 793 32.60 10.03 -8.10
N ASN A 794 32.41 8.76 -7.74
CA ASN A 794 33.09 7.66 -8.39
C ASN A 794 32.08 6.78 -9.10
N PRO A 795 31.67 7.20 -10.33
CA PRO A 795 30.54 6.60 -11.04
C PRO A 795 30.63 5.08 -11.18
N ARG A 796 31.83 4.59 -11.48
CA ARG A 796 32.02 3.14 -11.68
C ARG A 796 31.70 2.35 -10.40
N GLU A 797 32.09 2.87 -9.24
CA GLU A 797 31.92 2.11 -8.01
C GLU A 797 30.48 2.24 -7.49
N TRP A 798 29.88 3.41 -7.67
CA TRP A 798 28.46 3.58 -7.43
C TRP A 798 27.68 2.52 -8.23
N THR A 799 27.91 2.42 -9.54
CA THR A 799 27.13 1.52 -10.37
C THR A 799 27.37 0.05 -9.96
N ARG A 800 28.60 -0.28 -9.55
CA ARG A 800 28.90 -1.62 -9.04
C ARG A 800 28.13 -1.91 -7.74
N MET A 801 28.05 -0.95 -6.83
CA MET A 801 27.22 -1.18 -5.63
C MET A 801 25.71 -1.35 -6.01
N VAL A 802 25.26 -0.60 -7.03
CA VAL A 802 23.88 -0.72 -7.53
C VAL A 802 23.61 -2.14 -8.00
N ILE A 803 24.54 -2.66 -8.81
CA ILE A 803 24.43 -4.00 -9.33
C ILE A 803 24.31 -4.99 -8.18
N ARG A 804 25.10 -4.81 -7.13
CA ARG A 804 24.97 -5.72 -6.01
C ARG A 804 23.58 -5.62 -5.35
N ASN A 805 22.91 -4.45 -5.42
CA ASN A 805 21.59 -4.24 -4.82
C ASN A 805 20.54 -4.97 -5.68
N ILE A 806 20.52 -4.69 -6.97
CA ILE A 806 19.54 -5.26 -7.87
C ILE A 806 19.64 -6.77 -7.85
N ALA A 807 20.89 -7.25 -7.89
CA ALA A 807 21.18 -8.67 -7.95
C ALA A 807 20.71 -9.40 -6.69
N THR A 808 20.51 -8.71 -5.56
CA THR A 808 20.11 -9.37 -4.32
C THR A 808 18.66 -9.00 -3.93
N SER A 809 17.91 -8.42 -4.87
CA SER A 809 16.57 -7.98 -4.51
C SER A 809 15.52 -9.09 -4.66
N GLY A 810 15.94 -10.28 -5.11
CA GLY A 810 15.01 -11.39 -5.34
C GLY A 810 14.03 -11.66 -4.18
N LYS A 811 14.51 -11.59 -2.93
CA LYS A 811 13.71 -12.02 -1.79
C LYS A 811 12.41 -11.19 -1.64
N PHE A 812 12.39 -10.00 -2.24
CA PHE A 812 11.40 -8.97 -1.97
C PHE A 812 10.32 -8.95 -3.06
N SER A 813 10.28 -10.00 -3.87
CA SER A 813 9.16 -10.31 -4.75
C SER A 813 7.96 -10.71 -3.91
N SER A 814 6.80 -10.12 -4.18
CA SER A 814 5.58 -10.60 -3.52
C SER A 814 5.20 -12.02 -3.97
N ASP A 815 5.82 -12.51 -5.06
CA ASP A 815 5.63 -13.93 -5.38
C ASP A 815 6.20 -14.79 -4.27
N ARG A 816 7.32 -14.36 -3.63
CA ARG A 816 7.86 -15.13 -2.51
C ARG A 816 6.90 -15.03 -1.31
N THR A 817 6.52 -13.79 -0.97
CA THR A 817 5.58 -13.55 0.12
C THR A 817 4.36 -14.47 0.01
N ILE A 818 3.75 -14.46 -1.17
CA ILE A 818 2.48 -15.13 -1.37
C ILE A 818 2.65 -16.64 -1.27
N ALA A 819 3.74 -17.18 -1.85
CA ALA A 819 4.03 -18.61 -1.69
C ALA A 819 4.19 -18.96 -0.21
N GLN A 820 4.72 -18.03 0.61
CA GLN A 820 4.83 -18.39 2.02
C GLN A 820 3.47 -18.32 2.72
N TYR A 821 2.61 -17.33 2.39
CA TYR A 821 1.27 -17.37 2.96
C TYR A 821 0.53 -18.65 2.53
N ALA A 822 0.70 -18.99 1.25
CA ALA A 822 -0.03 -20.14 0.74
C ALA A 822 0.34 -21.44 1.48
N ARG A 823 1.65 -21.65 1.71
CA ARG A 823 2.13 -22.89 2.32
C ARG A 823 1.95 -22.92 3.84
N GLU A 824 2.15 -21.79 4.52
CA GLU A 824 2.30 -21.84 5.98
C GLU A 824 1.04 -21.31 6.68
N ILE A 825 0.14 -20.62 5.95
CA ILE A 825 -1.10 -20.13 6.52
C ILE A 825 -2.33 -20.77 5.88
N TRP A 826 -2.40 -20.74 4.53
CA TRP A 826 -3.64 -21.09 3.84
C TRP A 826 -3.74 -22.59 3.59
N GLY A 827 -2.57 -23.26 3.50
CA GLY A 827 -2.51 -24.69 3.26
C GLY A 827 -2.88 -25.08 1.84
N VAL A 828 -2.37 -24.34 0.84
CA VAL A 828 -2.62 -24.55 -0.58
C VAL A 828 -1.26 -24.44 -1.24
N GLU A 829 -1.14 -25.11 -2.39
CA GLU A 829 0.14 -25.25 -3.05
C GLU A 829 0.13 -24.30 -4.24
N PRO A 830 1.06 -23.33 -4.33
CA PRO A 830 1.18 -22.51 -5.54
C PRO A 830 1.51 -23.31 -6.80
N SER A 831 1.13 -22.79 -7.97
CA SER A 831 1.35 -23.52 -9.22
C SER A 831 1.74 -22.57 -10.35
N ARG A 832 2.79 -22.91 -11.11
CA ARG A 832 3.24 -22.06 -12.21
C ARG A 832 2.67 -22.57 -13.53
N GLN A 833 1.83 -23.61 -13.49
CA GLN A 833 1.21 -24.16 -14.71
C GLN A 833 0.29 -23.12 -15.34
N ARG A 834 0.37 -23.05 -16.66
CA ARG A 834 -0.47 -22.17 -17.47
C ARG A 834 -1.77 -22.91 -17.78
N LEU A 835 -2.88 -22.21 -17.65
CA LEU A 835 -4.17 -22.67 -18.18
C LEU A 835 -4.16 -22.52 -19.71
N PRO A 836 -4.98 -23.30 -20.46
CA PRO A 836 -5.04 -23.19 -21.93
C PRO A 836 -5.67 -21.88 -22.41
N ALA A 837 -5.22 -21.41 -23.61
CA ALA A 837 -5.54 -20.12 -24.19
C ALA A 837 -6.98 -20.09 -24.74
N1 PLP B . 2.31 5.12 -1.64
C2 PLP B . 2.47 4.69 -2.89
C2A PLP B . 1.82 5.45 -4.01
C3 PLP B . 3.28 3.57 -3.16
O3 PLP B . 3.47 3.18 -4.46
C4 PLP B . 3.90 2.92 -2.09
C4A PLP B . 4.76 1.76 -2.33
C5 PLP B . 3.68 3.35 -0.78
C6 PLP B . 2.88 4.46 -0.61
C5A PLP B . 4.38 2.69 0.38
O4P PLP B . 5.63 3.43 0.53
P PLP B . 6.51 3.35 1.92
O1P PLP B . 7.80 4.05 1.61
O2P PLP B . 5.70 4.05 2.99
O3P PLP B . 6.68 1.89 2.18
C4 3WL C . 0.67 10.82 14.72
C5 3WL C . 1.75 10.17 15.31
C6 3WL C . -1.25 10.82 13.12
C7 3WL C . -1.75 10.54 11.91
C8 3WL C . -2.93 11.17 11.38
C10 3WL C . -4.74 12.87 11.96
C13 3WL C . -3.51 13.28 14.46
O 3WL C . -3.38 10.89 10.26
C9 3WL C . -3.56 12.14 12.29
C14 3WL C . -2.99 12.39 13.54
C12 3WL C . -4.66 13.97 14.11
O2 3WL C . -5.21 14.85 14.97
C11 3WL C . -5.27 13.76 12.86
O3 3WL C . -6.41 14.45 12.55
O4 3WL C . -5.35 12.67 10.77
O1 3WL C . -1.85 11.74 13.95
C3 3WL C . -0.08 10.17 13.72
C2 3WL C . 0.24 8.86 13.39
C1 3WL C . 1.32 8.23 13.98
C 3WL C . 2.07 8.88 14.94
#